data_9DSW
#
_entry.id   9DSW
#
_cell.length_a   153.672
_cell.length_b   153.672
_cell.length_c   86.733
_cell.angle_alpha   90.00
_cell.angle_beta   90.00
_cell.angle_gamma   120.00
#
_symmetry.space_group_name_H-M   'P 31 2 1'
#
loop_
_entity.id
_entity.type
_entity.pdbx_description
1 polymer 'Threonylcarbamoyl-AMP synthase'
2 non-polymer THREONINE
3 non-polymer 'ACETATE ION'
4 non-polymer DI(HYDROXYETHYL)ETHER
5 non-polymer GLYCEROL
6 water water
#
_entity_poly.entity_id   1
_entity_poly.type   'polypeptide(L)'
_entity_poly.pdbx_seq_one_letter_code
;GSHMASTRVLKVDPLFPDEKVLKEAAELLRNGEVIIFPTETVYGIGADAYNEEACKKIFKLKERPADNPLIVHIHSFKQL
EEIAEGYEPHLDFLKKFWPGPLTVIFRKKSEKIPPVVTADLPTVAVRMPAHPVALKLIELFGHPIAAPSANISGRPSATN
VKHVIEDFMGKVKLIIDAGDTPFGLESTIVDLTKEKPVLLRPGPVEVERLKELFPELVVPDFVRKGNFKGRPLAPGMKYR
HYAPLKPLILVEDLTKMEEVLKKYPDHVVICVEERKELYDDRIVVGSLKNPYSIAQNIFSALREAEKMGKEYIIVEGFEE
RGILFAVMNRLRKAATEIVR
;
_entity_poly.pdbx_strand_id   A,B
#
loop_
_chem_comp.id
_chem_comp.type
_chem_comp.name
_chem_comp.formula
ACT non-polymer 'ACETATE ION' 'C2 H3 O2 -1'
GOL non-polymer GLYCEROL 'C3 H8 O3'
PEG non-polymer DI(HYDROXYETHYL)ETHER 'C4 H10 O3'
#
# COMPACT_ATOMS: atom_id res chain seq x y z
N SER A 6 -11.29 9.78 -23.60
CA SER A 6 -10.21 10.62 -23.00
C SER A 6 -9.99 10.24 -21.54
N THR A 7 -9.09 9.26 -21.33
CA THR A 7 -8.99 8.52 -20.08
C THR A 7 -8.22 9.31 -19.02
N ARG A 8 -8.81 9.45 -17.82
CA ARG A 8 -8.09 9.98 -16.67
C ARG A 8 -7.43 8.85 -15.90
N VAL A 9 -6.19 9.09 -15.47
CA VAL A 9 -5.42 8.15 -14.68
C VAL A 9 -5.08 8.85 -13.38
N LEU A 10 -5.66 8.37 -12.27
CA LEU A 10 -5.55 9.02 -10.98
C LEU A 10 -4.85 8.06 -10.02
N LYS A 11 -3.72 8.52 -9.49
CA LYS A 11 -2.90 7.74 -8.60
C LYS A 11 -3.46 7.87 -7.19
N VAL A 12 -3.52 6.76 -6.44
CA VAL A 12 -3.95 6.84 -5.06
C VAL A 12 -2.99 6.01 -4.22
N ASP A 13 -2.90 6.37 -2.94
CA ASP A 13 -2.22 5.53 -1.98
C ASP A 13 -3.01 4.23 -1.79
N PRO A 14 -2.35 3.05 -1.77
CA PRO A 14 -3.05 1.78 -1.56
C PRO A 14 -3.63 1.56 -0.17
N LEU A 15 -3.11 2.25 0.86
CA LEU A 15 -3.52 2.03 2.25
C LEU A 15 -4.64 3.00 2.67
N PHE A 16 -4.45 4.28 2.34
CA PHE A 16 -5.36 5.34 2.71
C PHE A 16 -5.64 6.17 1.47
N PRO A 17 -6.36 5.64 0.47
CA PRO A 17 -6.59 6.37 -0.77
C PRO A 17 -7.40 7.64 -0.56
N ASP A 18 -7.11 8.66 -1.36
CA ASP A 18 -7.88 9.89 -1.38
C ASP A 18 -9.33 9.57 -1.72
N GLU A 19 -10.23 9.77 -0.76
CA GLU A 19 -11.63 9.40 -0.94
C GLU A 19 -12.31 10.27 -1.99
N LYS A 20 -11.74 11.45 -2.29
CA LYS A 20 -12.26 12.29 -3.35
C LYS A 20 -12.09 11.60 -4.70
N VAL A 21 -10.99 10.85 -4.87
CA VAL A 21 -10.81 10.12 -6.11
C VAL A 21 -11.80 8.95 -6.17
N LEU A 22 -12.00 8.28 -5.04
CA LEU A 22 -12.93 7.17 -5.02
C LEU A 22 -14.35 7.66 -5.32
N LYS A 23 -14.70 8.87 -4.85
CA LYS A 23 -16.05 9.39 -5.07
C LYS A 23 -16.29 9.58 -6.56
N GLU A 24 -15.27 10.10 -7.25
CA GLU A 24 -15.35 10.33 -8.67
C GLU A 24 -15.57 9.01 -9.42
N ALA A 25 -14.82 7.97 -9.04
CA ALA A 25 -15.01 6.64 -9.59
C ALA A 25 -16.43 6.14 -9.31
N ALA A 26 -16.93 6.40 -8.09
CA ALA A 26 -18.25 5.93 -7.70
C ALA A 26 -19.33 6.62 -8.55
N GLU A 27 -19.13 7.90 -8.85
CA GLU A 27 -20.07 8.65 -9.66
C GLU A 27 -20.14 8.06 -11.07
N LEU A 28 -18.98 7.69 -11.61
CA LEU A 28 -18.93 7.04 -12.92
C LEU A 28 -19.71 5.73 -12.87
N LEU A 29 -19.57 4.98 -11.77
CA LEU A 29 -20.26 3.70 -11.65
C LEU A 29 -21.79 3.90 -11.64
N ARG A 30 -22.23 4.93 -10.90
CA ARG A 30 -23.64 5.32 -10.85
C ARG A 30 -24.17 5.67 -12.24
N ASN A 31 -23.33 6.25 -13.08
CA ASN A 31 -23.71 6.64 -14.44
C ASN A 31 -23.67 5.44 -15.38
N GLY A 32 -23.42 4.24 -14.85
CA GLY A 32 -23.40 3.04 -15.66
C GLY A 32 -22.13 2.96 -16.50
N GLU A 33 -21.07 3.67 -16.09
CA GLU A 33 -19.78 3.62 -16.75
C GLU A 33 -18.92 2.49 -16.17
N VAL A 34 -17.95 2.06 -16.97
CA VAL A 34 -16.94 1.09 -16.58
C VAL A 34 -15.69 1.83 -16.10
N ILE A 35 -15.10 1.36 -15.00
CA ILE A 35 -13.84 1.93 -14.55
C ILE A 35 -12.86 0.81 -14.29
N ILE A 36 -11.59 1.19 -14.11
CA ILE A 36 -10.56 0.23 -13.79
C ILE A 36 -9.96 0.60 -12.43
N PHE A 37 -9.73 -0.43 -11.61
CA PHE A 37 -9.32 -0.22 -10.23
C PHE A 37 -8.40 -1.35 -9.79
N PRO A 38 -7.51 -1.08 -8.82
CA PRO A 38 -6.63 -2.11 -8.27
C PRO A 38 -7.32 -3.07 -7.32
N THR A 39 -6.83 -4.31 -7.27
CA THR A 39 -7.04 -5.20 -6.15
C THR A 39 -5.70 -5.80 -5.75
N GLU A 40 -5.72 -6.67 -4.74
CA GLU A 40 -4.51 -7.34 -4.29
C GLU A 40 -4.06 -8.41 -5.29
N THR A 41 -4.93 -8.80 -6.24
CA THR A 41 -4.59 -9.86 -7.19
C THR A 41 -4.16 -9.26 -8.53
N VAL A 42 -5.14 -8.75 -9.29
CA VAL A 42 -4.91 -8.10 -10.56
C VAL A 42 -5.84 -6.90 -10.62
N TYR A 43 -5.60 -6.00 -11.58
CA TYR A 43 -6.49 -4.88 -11.79
C TYR A 43 -7.82 -5.44 -12.27
N GLY A 44 -8.90 -4.76 -11.89
CA GLY A 44 -10.24 -5.12 -12.32
C GLY A 44 -10.82 -4.06 -13.27
N ILE A 45 -11.60 -4.54 -14.22
CA ILE A 45 -12.42 -3.67 -15.04
C ILE A 45 -13.87 -3.87 -14.60
N GLY A 46 -14.44 -2.82 -13.99
CA GLY A 46 -15.61 -2.97 -13.14
C GLY A 46 -16.80 -2.12 -13.57
N ALA A 47 -17.98 -2.57 -13.16
CA ALA A 47 -19.21 -1.82 -13.33
C ALA A 47 -20.18 -2.20 -12.21
N ASP A 48 -21.19 -1.34 -12.01
CA ASP A 48 -22.30 -1.61 -11.12
C ASP A 48 -22.84 -3.02 -11.37
N ALA A 49 -22.80 -3.87 -10.35
CA ALA A 49 -23.19 -5.26 -10.51
C ALA A 49 -24.70 -5.42 -10.71
N TYR A 50 -25.48 -4.37 -10.41
CA TYR A 50 -26.93 -4.42 -10.55
C TYR A 50 -27.36 -3.82 -11.88
N ASN A 51 -26.41 -3.40 -12.72
CA ASN A 51 -26.71 -2.69 -13.96
C ASN A 51 -26.33 -3.54 -15.17
N GLU A 52 -27.36 -4.11 -15.82
CA GLU A 52 -27.23 -4.96 -16.99
C GLU A 52 -26.42 -4.29 -18.10
N GLU A 53 -26.80 -3.07 -18.49
CA GLU A 53 -26.19 -2.45 -19.67
C GLU A 53 -24.72 -2.12 -19.41
N ALA A 54 -24.40 -1.71 -18.18
CA ALA A 54 -23.04 -1.39 -17.82
C ALA A 54 -22.16 -2.64 -17.88
N CYS A 55 -22.64 -3.74 -17.30
CA CYS A 55 -21.87 -4.98 -17.31
C CYS A 55 -21.70 -5.52 -18.73
N LYS A 56 -22.67 -5.28 -19.62
CA LYS A 56 -22.53 -5.68 -21.01
C LYS A 56 -21.33 -4.98 -21.63
N LYS A 57 -21.09 -3.72 -21.26
CA LYS A 57 -19.94 -2.99 -21.79
C LYS A 57 -18.64 -3.70 -21.44
N ILE A 58 -18.59 -4.35 -20.26
CA ILE A 58 -17.39 -5.04 -19.80
C ILE A 58 -17.05 -6.16 -20.79
N PHE A 59 -18.04 -7.01 -21.09
CA PHE A 59 -17.86 -8.11 -22.02
C PHE A 59 -17.37 -7.59 -23.37
N LYS A 60 -17.92 -6.47 -23.85
CA LYS A 60 -17.54 -5.89 -25.12
C LYS A 60 -16.08 -5.44 -25.09
N LEU A 61 -15.72 -4.61 -24.11
CA LEU A 61 -14.36 -4.07 -23.99
C LEU A 61 -13.34 -5.20 -23.95
N LYS A 62 -13.70 -6.32 -23.32
CA LYS A 62 -12.79 -7.43 -23.18
C LYS A 62 -12.83 -8.36 -24.40
N GLU A 63 -14.00 -8.44 -25.06
CA GLU A 63 -14.25 -9.40 -26.12
C GLU A 63 -14.40 -10.78 -25.48
N ARG A 64 -15.36 -10.90 -24.57
CA ARG A 64 -15.46 -12.05 -23.69
C ARG A 64 -16.76 -12.79 -23.96
N PRO A 65 -16.74 -14.14 -23.96
CA PRO A 65 -17.96 -14.91 -24.19
C PRO A 65 -19.01 -14.74 -23.10
N ALA A 66 -20.26 -14.56 -23.53
CA ALA A 66 -21.39 -14.30 -22.65
C ALA A 66 -21.56 -15.40 -21.59
N ASP A 67 -20.93 -16.56 -21.82
CA ASP A 67 -21.13 -17.71 -20.95
C ASP A 67 -20.09 -17.76 -19.84
N ASN A 68 -19.18 -16.78 -19.80
CA ASN A 68 -18.18 -16.71 -18.75
C ASN A 68 -18.57 -15.64 -17.72
N PRO A 69 -19.07 -16.03 -16.52
CA PRO A 69 -19.65 -15.06 -15.60
C PRO A 69 -18.62 -14.13 -14.95
N LEU A 70 -19.13 -12.99 -14.47
CA LEU A 70 -18.32 -11.97 -13.83
C LEU A 70 -18.29 -12.24 -12.33
N ILE A 71 -17.12 -11.99 -11.70
CA ILE A 71 -16.99 -12.09 -10.26
C ILE A 71 -17.53 -10.80 -9.63
N VAL A 72 -18.36 -10.98 -8.61
CA VAL A 72 -19.06 -9.89 -7.93
C VAL A 72 -18.29 -9.56 -6.66
N HIS A 73 -17.79 -8.33 -6.57
CA HIS A 73 -16.94 -7.89 -5.48
C HIS A 73 -17.75 -7.16 -4.42
N ILE A 74 -17.55 -7.54 -3.16
CA ILE A 74 -18.29 -7.02 -2.02
C ILE A 74 -17.32 -6.52 -0.95
N HIS A 75 -17.81 -5.66 -0.05
CA HIS A 75 -16.97 -5.14 1.01
C HIS A 75 -17.39 -5.65 2.39
N SER A 76 -18.51 -6.36 2.52
CA SER A 76 -18.95 -6.80 3.84
C SER A 76 -19.72 -8.13 3.79
N PHE A 77 -19.79 -8.78 4.96
CA PHE A 77 -20.55 -10.01 5.11
C PHE A 77 -22.04 -9.73 4.98
N LYS A 78 -22.51 -8.56 5.40
CA LYS A 78 -23.89 -8.16 5.15
C LYS A 78 -24.22 -8.24 3.66
N GLN A 79 -23.32 -7.78 2.79
CA GLN A 79 -23.62 -7.79 1.36
C GLN A 79 -23.73 -9.21 0.85
N LEU A 80 -22.92 -10.11 1.41
CA LEU A 80 -22.94 -11.51 1.03
C LEU A 80 -24.36 -12.07 1.22
N GLU A 81 -24.94 -11.76 2.38
CA GLU A 81 -26.26 -12.22 2.77
C GLU A 81 -27.31 -11.78 1.75
N GLU A 82 -27.10 -10.61 1.12
CA GLU A 82 -28.04 -10.11 0.12
C GLU A 82 -27.94 -10.91 -1.18
N ILE A 83 -26.73 -11.36 -1.57
CA ILE A 83 -26.53 -11.83 -2.93
C ILE A 83 -26.42 -13.35 -3.02
N ALA A 84 -26.13 -14.04 -1.91
CA ALA A 84 -25.94 -15.49 -1.93
C ALA A 84 -26.73 -16.15 -0.80
N GLU A 85 -27.03 -17.45 -0.96
CA GLU A 85 -27.67 -18.21 0.09
C GLU A 85 -27.02 -19.59 0.21
N GLY A 86 -27.08 -20.13 1.43
CA GLY A 86 -26.66 -21.49 1.71
C GLY A 86 -25.17 -21.57 2.08
N TYR A 87 -24.59 -20.44 2.47
CA TYR A 87 -23.16 -20.35 2.75
C TYR A 87 -22.89 -20.41 4.25
N GLU A 88 -23.95 -20.43 5.06
CA GLU A 88 -23.86 -20.28 6.51
C GLU A 88 -22.90 -21.31 7.09
N PRO A 89 -22.88 -22.57 6.59
CA PRO A 89 -21.90 -23.55 7.07
C PRO A 89 -20.45 -23.21 6.76
N HIS A 90 -20.21 -22.30 5.80
CA HIS A 90 -18.87 -21.95 5.35
C HIS A 90 -18.40 -20.62 5.94
N LEU A 91 -19.25 -19.96 6.74
CA LEU A 91 -18.94 -18.67 7.33
C LEU A 91 -17.59 -18.68 8.05
N ASP A 92 -17.28 -19.74 8.81
CA ASP A 92 -16.02 -19.81 9.53
C ASP A 92 -14.86 -19.70 8.54
N PHE A 93 -14.95 -20.50 7.46
CA PHE A 93 -13.97 -20.52 6.40
C PHE A 93 -13.82 -19.13 5.77
N LEU A 94 -14.95 -18.52 5.40
CA LEU A 94 -14.92 -17.24 4.72
C LEU A 94 -14.26 -16.19 5.61
N LYS A 95 -14.54 -16.23 6.92
CA LYS A 95 -14.03 -15.23 7.83
C LYS A 95 -12.54 -15.42 8.06
N LYS A 96 -12.01 -16.58 7.66
CA LYS A 96 -10.59 -16.86 7.81
C LYS A 96 -9.82 -16.37 6.58
N PHE A 97 -10.50 -16.15 5.45
CA PHE A 97 -9.83 -15.87 4.19
C PHE A 97 -10.27 -14.54 3.58
N TRP A 98 -11.34 -13.94 4.13
CA TRP A 98 -11.86 -12.69 3.63
C TRP A 98 -11.77 -11.56 4.64
N PRO A 99 -11.46 -10.31 4.22
CA PRO A 99 -11.06 -10.01 2.85
C PRO A 99 -9.79 -10.71 2.41
N GLY A 100 -9.66 -11.04 1.12
CA GLY A 100 -8.52 -11.81 0.69
C GLY A 100 -8.64 -12.33 -0.73
N PRO A 101 -7.55 -12.91 -1.26
CA PRO A 101 -7.47 -13.33 -2.65
C PRO A 101 -8.21 -14.63 -2.98
N LEU A 102 -9.50 -14.66 -2.65
CA LEU A 102 -10.35 -15.82 -2.84
C LEU A 102 -11.70 -15.40 -3.41
N THR A 103 -12.11 -16.13 -4.45
CA THR A 103 -13.47 -16.09 -4.96
C THR A 103 -14.15 -17.41 -4.62
N VAL A 104 -15.39 -17.32 -4.17
CA VAL A 104 -16.19 -18.50 -3.86
C VAL A 104 -17.45 -18.48 -4.71
N ILE A 105 -17.85 -19.68 -5.16
CA ILE A 105 -19.09 -19.88 -5.89
C ILE A 105 -20.16 -20.31 -4.87
N PHE A 106 -21.30 -19.59 -4.91
CA PHE A 106 -22.46 -19.88 -4.07
C PHE A 106 -23.72 -19.84 -4.93
N ARG A 107 -24.80 -20.40 -4.39
CA ARG A 107 -26.12 -20.30 -5.00
C ARG A 107 -26.54 -18.84 -5.01
N LYS A 108 -27.02 -18.38 -6.17
CA LYS A 108 -27.47 -17.01 -6.34
C LYS A 108 -28.78 -16.82 -5.56
N LYS A 109 -28.84 -15.77 -4.75
CA LYS A 109 -30.07 -15.37 -4.08
C LYS A 109 -30.61 -14.07 -4.68
N SER A 110 -29.72 -13.09 -4.87
CA SER A 110 -30.11 -11.75 -5.28
C SER A 110 -30.92 -11.75 -6.56
N GLU A 111 -31.94 -10.89 -6.57
CA GLU A 111 -32.74 -10.61 -7.76
C GLU A 111 -32.12 -9.43 -8.51
N LYS A 112 -31.25 -8.66 -7.85
CA LYS A 112 -30.79 -7.40 -8.40
C LYS A 112 -29.66 -7.62 -9.41
N ILE A 113 -28.93 -8.74 -9.30
CA ILE A 113 -27.83 -9.01 -10.20
C ILE A 113 -28.38 -9.64 -11.48
N PRO A 114 -28.33 -8.94 -12.64
CA PRO A 114 -28.95 -9.47 -13.85
C PRO A 114 -28.23 -10.70 -14.41
N PRO A 115 -28.95 -11.53 -15.20
CA PRO A 115 -28.38 -12.69 -15.88
C PRO A 115 -27.01 -12.51 -16.52
N VAL A 116 -26.81 -11.38 -17.22
CA VAL A 116 -25.56 -11.12 -17.93
C VAL A 116 -24.36 -11.31 -16.99
N VAL A 117 -24.48 -10.88 -15.71
CA VAL A 117 -23.37 -10.91 -14.78
C VAL A 117 -23.04 -12.36 -14.42
N THR A 118 -24.09 -13.18 -14.24
CA THR A 118 -23.92 -14.55 -13.77
C THR A 118 -23.97 -15.56 -14.92
N ALA A 119 -24.00 -15.07 -16.18
CA ALA A 119 -24.10 -15.93 -17.36
C ALA A 119 -25.28 -16.90 -17.25
N ASP A 120 -26.42 -16.38 -16.76
CA ASP A 120 -27.65 -17.15 -16.66
C ASP A 120 -27.53 -18.34 -15.70
N LEU A 121 -26.41 -18.46 -14.98
CA LEU A 121 -26.24 -19.60 -14.09
C LEU A 121 -27.03 -19.36 -12.82
N PRO A 122 -27.43 -20.43 -12.10
CA PRO A 122 -28.01 -20.28 -10.76
C PRO A 122 -27.01 -20.00 -9.64
N THR A 123 -25.71 -19.91 -9.98
CA THR A 123 -24.68 -19.61 -8.99
C THR A 123 -24.14 -18.19 -9.21
N VAL A 124 -23.49 -17.65 -8.18
CA VAL A 124 -22.80 -16.36 -8.30
C VAL A 124 -21.38 -16.51 -7.76
N ALA A 125 -20.42 -15.91 -8.48
CA ALA A 125 -19.04 -15.88 -8.00
C ALA A 125 -18.80 -14.62 -7.17
N VAL A 126 -18.36 -14.79 -5.92
CA VAL A 126 -18.28 -13.69 -4.97
C VAL A 126 -16.85 -13.58 -4.41
N ARG A 127 -16.32 -12.35 -4.36
CA ARG A 127 -15.00 -12.06 -3.81
C ARG A 127 -15.04 -10.80 -2.96
N MET A 128 -14.43 -10.89 -1.77
CA MET A 128 -14.22 -9.73 -0.91
C MET A 128 -12.73 -9.37 -0.97
N PRO A 129 -12.32 -8.39 -1.80
CA PRO A 129 -10.90 -8.15 -2.04
C PRO A 129 -10.18 -7.49 -0.86
N ALA A 130 -8.99 -7.99 -0.51
CA ALA A 130 -8.16 -7.40 0.53
C ALA A 130 -7.30 -6.30 -0.10
N HIS A 131 -7.95 -5.21 -0.47
CA HIS A 131 -7.28 -4.04 -1.00
C HIS A 131 -8.15 -2.86 -0.61
N PRO A 132 -7.63 -1.96 0.26
CA PRO A 132 -8.37 -0.80 0.74
C PRO A 132 -9.03 0.04 -0.33
N VAL A 133 -8.40 0.14 -1.51
CA VAL A 133 -8.94 0.95 -2.58
C VAL A 133 -10.25 0.31 -3.06
N ALA A 134 -10.22 -1.01 -3.26
CA ALA A 134 -11.36 -1.74 -3.76
C ALA A 134 -12.50 -1.72 -2.73
N LEU A 135 -12.16 -2.07 -1.49
CA LEU A 135 -13.09 -2.08 -0.38
C LEU A 135 -13.77 -0.73 -0.20
N LYS A 136 -12.98 0.35 -0.17
CA LYS A 136 -13.53 1.68 0.05
C LYS A 136 -14.34 2.11 -1.16
N LEU A 137 -13.89 1.75 -2.37
CA LEU A 137 -14.64 2.09 -3.57
C LEU A 137 -16.03 1.43 -3.54
N ILE A 138 -16.07 0.15 -3.19
CA ILE A 138 -17.32 -0.59 -3.19
C ILE A 138 -18.25 0.03 -2.15
N GLU A 139 -17.72 0.25 -0.95
CA GLU A 139 -18.51 0.81 0.15
C GLU A 139 -19.06 2.18 -0.22
N LEU A 140 -18.19 3.05 -0.71
CA LEU A 140 -18.55 4.41 -1.09
C LEU A 140 -19.61 4.38 -2.20
N PHE A 141 -19.42 3.51 -3.19
CA PHE A 141 -20.33 3.41 -4.32
C PHE A 141 -21.69 2.88 -3.88
N GLY A 142 -21.69 1.86 -3.02
CA GLY A 142 -22.90 1.42 -2.34
C GLY A 142 -23.56 0.21 -3.00
N HIS A 143 -23.06 -0.26 -4.16
CA HIS A 143 -23.41 -1.56 -4.69
C HIS A 143 -22.16 -2.43 -4.84
N PRO A 144 -22.30 -3.78 -4.91
CA PRO A 144 -21.22 -4.63 -5.38
C PRO A 144 -20.78 -4.24 -6.77
N ILE A 145 -19.51 -4.58 -7.09
CA ILE A 145 -18.94 -4.30 -8.38
C ILE A 145 -18.61 -5.63 -9.05
N ALA A 146 -19.12 -5.81 -10.26
CA ALA A 146 -18.74 -6.91 -11.10
C ALA A 146 -17.49 -6.53 -11.88
N ALA A 147 -16.45 -7.38 -11.80
CA ALA A 147 -15.17 -7.04 -12.38
C ALA A 147 -14.34 -8.28 -12.67
N PRO A 148 -14.14 -8.63 -13.96
CA PRO A 148 -13.05 -9.52 -14.34
C PRO A 148 -11.73 -8.77 -14.41
N SER A 149 -10.66 -9.48 -14.78
CA SER A 149 -9.35 -8.84 -14.86
C SER A 149 -9.37 -7.75 -15.93
N ALA A 150 -8.60 -6.68 -15.69
CA ALA A 150 -8.47 -5.57 -16.64
C ALA A 150 -7.45 -5.92 -17.71
N ASN A 151 -7.93 -6.56 -18.78
CA ASN A 151 -7.12 -6.84 -19.95
C ASN A 151 -8.03 -7.25 -21.10
N ILE A 152 -7.58 -7.06 -22.34
CA ILE A 152 -8.21 -7.71 -23.47
C ILE A 152 -8.12 -9.22 -23.21
N SER A 153 -9.20 -9.96 -23.49
CA SER A 153 -9.21 -11.40 -23.29
C SER A 153 -8.15 -12.03 -24.18
N GLY A 154 -7.46 -13.05 -23.67
CA GLY A 154 -6.35 -13.67 -24.37
C GLY A 154 -5.01 -13.02 -24.03
N ARG A 155 -5.02 -11.81 -23.47
CA ARG A 155 -3.80 -11.12 -23.08
C ARG A 155 -3.56 -11.33 -21.59
N PRO A 156 -2.31 -11.18 -21.08
CA PRO A 156 -2.05 -11.36 -19.66
C PRO A 156 -2.77 -10.32 -18.81
N SER A 157 -3.18 -10.74 -17.61
CA SER A 157 -3.95 -9.89 -16.73
C SER A 157 -3.07 -8.76 -16.22
N ALA A 158 -3.60 -7.53 -16.28
CA ALA A 158 -2.90 -6.33 -15.88
C ALA A 158 -2.60 -6.35 -14.39
N THR A 159 -1.32 -6.18 -14.08
CA THR A 159 -0.84 -6.08 -12.70
C THR A 159 -0.29 -4.68 -12.43
N ASN A 160 -0.36 -3.79 -13.43
CA ASN A 160 0.01 -2.40 -13.20
C ASN A 160 -0.65 -1.53 -14.26
N VAL A 161 -0.50 -0.21 -14.12
CA VAL A 161 -1.28 0.73 -14.91
C VAL A 161 -0.79 0.81 -16.35
N LYS A 162 0.53 0.61 -16.55
CA LYS A 162 1.10 0.51 -17.89
C LYS A 162 0.34 -0.54 -18.70
N HIS A 163 0.12 -1.72 -18.12
CA HIS A 163 -0.58 -2.78 -18.83
C HIS A 163 -2.02 -2.36 -19.14
N VAL A 164 -2.65 -1.67 -18.18
CA VAL A 164 -4.04 -1.26 -18.34
C VAL A 164 -4.14 -0.28 -19.50
N ILE A 165 -3.21 0.69 -19.52
CA ILE A 165 -3.16 1.68 -20.58
C ILE A 165 -2.96 1.01 -21.94
N GLU A 166 -2.01 0.07 -22.05
CA GLU A 166 -1.79 -0.65 -23.29
C GLU A 166 -3.09 -1.21 -23.86
N ASP A 167 -4.01 -1.66 -22.98
CA ASP A 167 -5.19 -2.37 -23.42
C ASP A 167 -6.39 -1.45 -23.56
N PHE A 168 -6.44 -0.34 -22.79
CA PHE A 168 -7.71 0.33 -22.57
C PHE A 168 -7.66 1.86 -22.65
N MET A 169 -6.47 2.47 -22.86
CA MET A 169 -6.41 3.92 -22.97
C MET A 169 -7.41 4.37 -24.04
N GLY A 170 -8.16 5.42 -23.72
CA GLY A 170 -9.17 5.94 -24.63
C GLY A 170 -10.45 5.10 -24.66
N LYS A 171 -10.49 3.95 -23.98
CA LYS A 171 -11.68 3.09 -23.99
C LYS A 171 -12.49 3.18 -22.70
N VAL A 172 -11.93 3.79 -21.66
CA VAL A 172 -12.64 3.95 -20.39
C VAL A 172 -12.31 5.33 -19.85
N LYS A 173 -13.22 5.88 -19.06
CA LYS A 173 -13.11 7.24 -18.59
C LYS A 173 -12.08 7.37 -17.48
N LEU A 174 -11.85 6.32 -16.68
CA LEU A 174 -11.06 6.45 -15.46
C LEU A 174 -10.34 5.15 -15.11
N ILE A 175 -9.05 5.30 -14.81
CA ILE A 175 -8.21 4.24 -14.29
C ILE A 175 -7.65 4.74 -12.97
N ILE A 176 -7.86 3.95 -11.90
CA ILE A 176 -7.26 4.23 -10.61
C ILE A 176 -5.97 3.43 -10.51
N ASP A 177 -4.88 4.16 -10.23
CA ASP A 177 -3.54 3.61 -10.18
C ASP A 177 -3.12 3.52 -8.72
N ALA A 178 -2.87 2.29 -8.23
CA ALA A 178 -2.30 2.13 -6.91
C ALA A 178 -1.04 1.26 -6.98
N GLY A 179 -0.38 1.29 -8.15
CA GLY A 179 0.89 0.60 -8.33
C GLY A 179 0.69 -0.86 -8.76
N ASP A 180 1.79 -1.62 -8.66
CA ASP A 180 1.82 -3.03 -8.99
C ASP A 180 0.99 -3.78 -7.97
N THR A 181 0.16 -4.72 -8.45
CA THR A 181 -0.67 -5.49 -7.52
C THR A 181 0.22 -6.40 -6.70
N PRO A 182 -0.05 -6.54 -5.38
CA PRO A 182 0.69 -7.43 -4.50
C PRO A 182 0.99 -8.84 -5.02
N PHE A 183 -0.01 -9.56 -5.54
CA PHE A 183 0.18 -10.97 -5.83
C PHE A 183 0.54 -11.20 -7.30
N GLY A 184 -0.02 -10.41 -8.22
CA GLY A 184 0.23 -10.56 -9.64
C GLY A 184 -0.63 -11.62 -10.33
N LEU A 185 -1.43 -12.39 -9.55
CA LEU A 185 -2.23 -13.49 -10.06
C LEU A 185 -3.67 -13.39 -9.59
N GLU A 186 -4.61 -13.88 -10.41
CA GLU A 186 -6.03 -13.84 -10.05
C GLU A 186 -6.30 -14.70 -8.82
N SER A 187 -7.34 -14.30 -8.08
CA SER A 187 -7.83 -15.00 -6.90
C SER A 187 -8.02 -16.49 -7.18
N THR A 188 -7.75 -17.32 -6.15
CA THR A 188 -8.22 -18.69 -6.13
C THR A 188 -9.74 -18.68 -6.28
N ILE A 189 -10.29 -19.56 -7.13
CA ILE A 189 -11.73 -19.77 -7.17
C ILE A 189 -12.03 -21.16 -6.61
N VAL A 190 -12.88 -21.20 -5.58
CA VAL A 190 -13.37 -22.45 -5.00
C VAL A 190 -14.90 -22.48 -5.13
N ASP A 191 -15.42 -23.54 -5.77
CA ASP A 191 -16.86 -23.78 -5.84
C ASP A 191 -17.30 -24.55 -4.60
N LEU A 192 -18.28 -23.99 -3.87
CA LEU A 192 -18.76 -24.58 -2.62
C LEU A 192 -20.22 -25.02 -2.74
N THR A 193 -20.75 -25.12 -3.96
CA THR A 193 -22.16 -25.46 -4.15
C THR A 193 -22.36 -26.95 -4.37
N LYS A 194 -21.30 -27.77 -4.25
CA LYS A 194 -21.42 -29.20 -4.54
C LYS A 194 -21.04 -30.00 -3.30
N GLU A 195 -21.34 -31.31 -3.34
CA GLU A 195 -21.06 -32.22 -2.24
C GLU A 195 -19.60 -32.05 -1.80
N LYS A 196 -18.67 -32.09 -2.77
CA LYS A 196 -17.26 -31.88 -2.50
C LYS A 196 -16.83 -30.54 -3.11
N PRO A 197 -16.03 -29.73 -2.38
CA PRO A 197 -15.57 -28.44 -2.91
C PRO A 197 -14.67 -28.63 -4.12
N VAL A 198 -14.79 -27.74 -5.12
CA VAL A 198 -14.03 -27.85 -6.35
C VAL A 198 -13.16 -26.61 -6.54
N LEU A 199 -11.88 -26.83 -6.86
CA LEU A 199 -10.96 -25.77 -7.27
C LEU A 199 -11.12 -25.51 -8.76
N LEU A 200 -11.57 -24.30 -9.11
CA LEU A 200 -11.83 -23.92 -10.49
C LEU A 200 -10.69 -23.07 -11.07
N ARG A 201 -9.86 -22.49 -10.20
CA ARG A 201 -8.76 -21.65 -10.64
C ARG A 201 -7.77 -21.53 -9.48
N PRO A 202 -6.49 -21.94 -9.68
CA PRO A 202 -5.50 -21.81 -8.63
C PRO A 202 -5.08 -20.35 -8.47
N GLY A 203 -4.80 -19.94 -7.23
CA GLY A 203 -4.41 -18.57 -6.95
C GLY A 203 -3.60 -18.46 -5.66
N PRO A 204 -3.52 -17.24 -5.09
CA PRO A 204 -2.77 -17.00 -3.86
C PRO A 204 -3.22 -17.81 -2.64
N VAL A 205 -4.50 -18.19 -2.57
CA VAL A 205 -4.90 -19.20 -1.60
C VAL A 205 -4.53 -20.55 -2.21
N GLU A 206 -3.50 -21.18 -1.64
CA GLU A 206 -2.79 -22.26 -2.30
C GLU A 206 -3.57 -23.56 -2.18
N VAL A 207 -3.33 -24.46 -3.14
CA VAL A 207 -4.02 -25.74 -3.17
C VAL A 207 -3.77 -26.49 -1.87
N GLU A 208 -2.52 -26.47 -1.40
CA GLU A 208 -2.10 -27.26 -0.25
C GLU A 208 -2.91 -26.84 0.97
N ARG A 209 -3.12 -25.54 1.11
CA ARG A 209 -3.85 -24.98 2.23
C ARG A 209 -5.33 -25.37 2.16
N LEU A 210 -5.89 -25.34 0.95
CA LEU A 210 -7.29 -25.72 0.75
C LEU A 210 -7.48 -27.20 1.07
N LYS A 211 -6.52 -28.04 0.66
CA LYS A 211 -6.58 -29.46 0.93
C LYS A 211 -6.54 -29.75 2.43
N GLU A 212 -5.89 -28.88 3.22
CA GLU A 212 -5.88 -29.05 4.67
C GLU A 212 -7.28 -28.82 5.22
N LEU A 213 -7.97 -27.80 4.71
CA LEU A 213 -9.30 -27.45 5.20
C LEU A 213 -10.37 -28.33 4.57
N PHE A 214 -10.14 -28.75 3.32
CA PHE A 214 -11.09 -29.56 2.59
C PHE A 214 -10.38 -30.80 2.06
N PRO A 215 -10.23 -31.86 2.88
CA PRO A 215 -9.54 -33.07 2.44
C PRO A 215 -10.10 -33.66 1.16
N GLU A 216 -11.40 -33.45 0.91
CA GLU A 216 -12.06 -34.00 -0.28
C GLU A 216 -12.04 -33.04 -1.46
N LEU A 217 -11.24 -31.97 -1.40
CA LEU A 217 -11.16 -30.98 -2.47
C LEU A 217 -10.98 -31.67 -3.81
N VAL A 218 -11.76 -31.30 -4.82
CA VAL A 218 -11.51 -31.86 -6.13
C VAL A 218 -10.79 -30.83 -6.99
N VAL A 219 -9.80 -31.34 -7.74
CA VAL A 219 -8.97 -30.54 -8.61
C VAL A 219 -9.18 -31.07 -10.02
N PRO A 220 -10.07 -30.46 -10.83
CA PRO A 220 -10.39 -30.99 -12.15
C PRO A 220 -9.19 -30.99 -13.10
N ASP A 221 -9.26 -31.83 -14.13
CA ASP A 221 -8.21 -31.97 -15.13
C ASP A 221 -7.85 -30.62 -15.74
N PHE A 222 -8.84 -29.77 -16.03
CA PHE A 222 -8.56 -28.53 -16.75
C PHE A 222 -7.64 -27.63 -15.92
N VAL A 223 -7.71 -27.72 -14.59
CA VAL A 223 -6.84 -26.93 -13.74
C VAL A 223 -5.39 -27.44 -13.82
N ARG A 224 -5.19 -28.76 -13.87
CA ARG A 224 -3.85 -29.32 -13.84
C ARG A 224 -3.20 -29.27 -15.22
N LYS A 225 -3.99 -29.11 -16.28
CA LYS A 225 -3.51 -29.23 -17.64
C LYS A 225 -3.80 -27.96 -18.46
N GLY A 226 -3.93 -26.81 -17.78
CA GLY A 226 -4.23 -25.56 -18.43
C GLY A 226 -5.19 -25.76 -19.60
N HIS A 241 -5.71 -17.41 -23.66
CA HIS A 241 -5.75 -17.19 -22.18
C HIS A 241 -4.34 -16.83 -21.66
N TYR A 242 -4.18 -15.56 -21.27
CA TYR A 242 -3.01 -15.04 -20.58
C TYR A 242 -1.79 -14.96 -21.50
N ALA A 243 -2.02 -14.86 -22.82
CA ALA A 243 -0.99 -15.10 -23.82
C ALA A 243 -0.37 -13.80 -24.33
N PRO A 244 0.98 -13.73 -24.46
CA PRO A 244 1.62 -12.63 -25.19
C PRO A 244 1.39 -12.75 -26.71
N LEU A 245 1.86 -11.73 -27.46
CA LEU A 245 1.58 -11.61 -28.88
C LEU A 245 2.62 -12.37 -29.73
N LYS A 246 3.59 -13.01 -29.08
CA LYS A 246 4.57 -13.84 -29.76
C LYS A 246 4.52 -15.27 -29.22
N PRO A 247 4.55 -16.31 -30.10
CA PRO A 247 4.60 -17.71 -29.67
C PRO A 247 5.38 -17.99 -28.40
N LEU A 248 4.77 -18.79 -27.50
CA LEU A 248 5.24 -19.03 -26.16
C LEU A 248 5.64 -20.49 -26.01
N ILE A 249 6.91 -20.73 -25.66
CA ILE A 249 7.43 -22.08 -25.46
C ILE A 249 7.69 -22.29 -23.97
N LEU A 250 6.91 -23.18 -23.35
CA LEU A 250 7.07 -23.48 -21.94
C LEU A 250 7.82 -24.79 -21.77
N VAL A 251 8.92 -24.75 -21.01
CA VAL A 251 9.87 -25.85 -20.92
C VAL A 251 9.80 -26.47 -19.52
N GLU A 252 8.94 -27.47 -19.34
CA GLU A 252 8.79 -28.13 -18.05
C GLU A 252 10.02 -28.97 -17.72
N ASP A 253 10.64 -29.53 -18.77
CA ASP A 253 11.83 -30.35 -18.63
C ASP A 253 13.04 -29.50 -18.99
N LEU A 254 13.79 -29.08 -17.96
CA LEU A 254 14.86 -28.10 -18.13
C LEU A 254 16.12 -28.76 -18.68
N THR A 255 16.10 -30.09 -18.86
CA THR A 255 17.17 -30.78 -19.55
C THR A 255 17.04 -30.50 -21.05
N LYS A 256 15.81 -30.32 -21.54
CA LYS A 256 15.59 -30.03 -22.94
C LYS A 256 15.82 -28.55 -23.24
N MET A 257 16.22 -27.76 -22.23
CA MET A 257 16.39 -26.32 -22.38
C MET A 257 17.45 -26.04 -23.45
N GLU A 258 18.61 -26.70 -23.32
CA GLU A 258 19.67 -26.66 -24.32
C GLU A 258 19.10 -26.87 -25.73
N GLU A 259 18.31 -27.93 -25.90
CA GLU A 259 17.82 -28.34 -27.20
C GLU A 259 16.80 -27.33 -27.73
N VAL A 260 16.00 -26.73 -26.83
CA VAL A 260 14.91 -25.84 -27.23
C VAL A 260 15.49 -24.54 -27.79
N LEU A 261 16.52 -24.01 -27.11
CA LEU A 261 17.15 -22.75 -27.48
C LEU A 261 17.60 -22.79 -28.93
N LYS A 262 18.20 -23.93 -29.33
CA LYS A 262 18.71 -24.12 -30.68
C LYS A 262 17.55 -24.40 -31.64
N LYS A 263 16.61 -25.26 -31.24
CA LYS A 263 15.42 -25.54 -32.04
C LYS A 263 14.72 -24.23 -32.40
N TYR A 264 14.35 -23.46 -31.35
CA TYR A 264 13.63 -22.21 -31.54
C TYR A 264 14.61 -21.04 -31.45
N PRO A 265 15.13 -20.57 -32.60
CA PRO A 265 16.41 -19.85 -32.63
C PRO A 265 16.32 -18.40 -32.16
N ASP A 266 15.35 -17.66 -32.71
CA ASP A 266 15.20 -16.24 -32.50
C ASP A 266 14.39 -16.02 -31.21
N HIS A 267 15.09 -15.91 -30.06
CA HIS A 267 14.44 -16.14 -28.78
C HIS A 267 14.77 -15.05 -27.76
N VAL A 268 13.82 -14.86 -26.83
CA VAL A 268 14.08 -14.25 -25.53
C VAL A 268 13.61 -15.24 -24.47
N VAL A 269 14.27 -15.24 -23.32
CA VAL A 269 13.98 -16.18 -22.26
C VAL A 269 13.39 -15.44 -21.06
N ILE A 270 12.47 -16.12 -20.35
CA ILE A 270 12.05 -15.71 -19.02
C ILE A 270 12.53 -16.79 -18.06
N CYS A 271 13.31 -16.40 -17.05
CA CYS A 271 14.03 -17.37 -16.24
C CYS A 271 14.11 -16.89 -14.80
N VAL A 272 14.52 -17.78 -13.90
CA VAL A 272 14.72 -17.39 -12.51
C VAL A 272 16.07 -16.67 -12.36
N GLU A 273 16.20 -15.98 -11.23
CA GLU A 273 17.42 -15.33 -10.75
C GLU A 273 18.59 -16.31 -10.75
N GLU A 274 18.33 -17.53 -10.29
CA GLU A 274 19.36 -18.52 -10.01
C GLU A 274 19.93 -19.10 -11.31
N ARG A 275 19.33 -18.79 -12.47
CA ARG A 275 19.85 -19.31 -13.73
C ARG A 275 19.93 -18.20 -14.78
N LYS A 276 20.06 -16.94 -14.34
CA LYS A 276 20.11 -15.82 -15.26
C LYS A 276 21.37 -15.87 -16.11
N GLU A 277 22.46 -16.35 -15.49
CA GLU A 277 23.78 -16.39 -16.10
C GLU A 277 23.82 -17.38 -17.26
N LEU A 278 22.88 -18.33 -17.31
CA LEU A 278 22.90 -19.40 -18.31
C LEU A 278 22.31 -18.94 -19.65
N TYR A 279 22.02 -17.64 -19.84
CA TYR A 279 21.32 -17.22 -21.05
C TYR A 279 21.87 -15.89 -21.58
N ASP A 280 21.65 -15.66 -22.88
CA ASP A 280 22.06 -14.43 -23.54
C ASP A 280 21.06 -13.33 -23.21
N ASP A 281 19.88 -13.38 -23.86
CA ASP A 281 18.81 -12.41 -23.70
C ASP A 281 17.72 -13.03 -22.82
N ARG A 282 17.60 -12.53 -21.58
CA ARG A 282 16.70 -13.15 -20.62
C ARG A 282 16.15 -12.12 -19.65
N ILE A 283 14.81 -12.14 -19.47
CA ILE A 283 14.15 -11.42 -18.41
C ILE A 283 14.14 -12.31 -17.16
N VAL A 284 14.70 -11.79 -16.06
CA VAL A 284 14.64 -12.47 -14.78
C VAL A 284 13.29 -12.15 -14.13
N VAL A 285 12.36 -13.11 -14.14
CA VAL A 285 11.03 -12.91 -13.59
C VAL A 285 11.08 -12.82 -12.07
N GLY A 286 11.99 -13.58 -11.44
CA GLY A 286 12.12 -13.56 -9.99
C GLY A 286 13.02 -14.72 -9.54
N SER A 287 13.10 -14.96 -8.23
CA SER A 287 13.98 -16.00 -7.72
C SER A 287 13.18 -17.18 -7.17
N LEU A 288 13.77 -18.38 -7.26
CA LEU A 288 13.24 -19.58 -6.63
C LEU A 288 13.20 -19.42 -5.12
N LYS A 289 14.06 -18.55 -4.57
CA LYS A 289 14.17 -18.34 -3.13
C LYS A 289 12.93 -17.63 -2.58
N ASN A 290 12.37 -16.71 -3.39
CA ASN A 290 11.14 -16.01 -3.07
C ASN A 290 10.18 -16.22 -4.24
N PRO A 291 9.43 -17.36 -4.28
CA PRO A 291 8.60 -17.67 -5.45
C PRO A 291 7.45 -16.69 -5.65
N TYR A 292 7.08 -15.96 -4.57
CA TYR A 292 6.07 -14.92 -4.66
C TYR A 292 6.53 -13.83 -5.63
N SER A 293 7.84 -13.60 -5.73
CA SER A 293 8.40 -12.66 -6.70
C SER A 293 8.04 -13.10 -8.11
N ILE A 294 8.08 -14.42 -8.36
CA ILE A 294 7.84 -14.94 -9.70
C ILE A 294 6.38 -14.70 -10.09
N ALA A 295 5.48 -15.01 -9.14
CA ALA A 295 4.06 -14.78 -9.33
C ALA A 295 3.77 -13.29 -9.55
N GLN A 296 4.36 -12.43 -8.70
CA GLN A 296 4.12 -10.99 -8.77
C GLN A 296 4.49 -10.44 -10.15
N ASN A 297 5.47 -11.05 -10.85
CA ASN A 297 6.05 -10.44 -12.03
C ASN A 297 5.78 -11.20 -13.33
N ILE A 298 5.19 -12.40 -13.26
CA ILE A 298 5.14 -13.26 -14.43
C ILE A 298 4.36 -12.57 -15.55
N PHE A 299 3.24 -11.90 -15.27
CA PHE A 299 2.46 -11.31 -16.34
C PHE A 299 3.20 -10.12 -16.96
N SER A 300 3.85 -9.29 -16.12
CA SER A 300 4.69 -8.20 -16.62
C SER A 300 5.77 -8.75 -17.56
N ALA A 301 6.40 -9.85 -17.13
CA ALA A 301 7.44 -10.49 -17.91
C ALA A 301 6.91 -10.88 -19.29
N LEU A 302 5.71 -11.45 -19.35
CA LEU A 302 5.12 -11.83 -20.63
C LEU A 302 5.00 -10.58 -21.51
N ARG A 303 4.60 -9.44 -20.92
CA ARG A 303 4.35 -8.23 -21.68
C ARG A 303 5.67 -7.59 -22.14
N GLU A 304 6.69 -7.59 -21.27
CA GLU A 304 8.02 -7.13 -21.62
C GLU A 304 8.55 -7.92 -22.82
N ALA A 305 8.46 -9.25 -22.73
CA ALA A 305 9.06 -10.17 -23.69
C ALA A 305 8.48 -10.02 -25.10
N GLU A 306 7.18 -9.72 -25.18
CA GLU A 306 6.50 -9.64 -26.46
C GLU A 306 6.99 -8.41 -27.24
N LYS A 307 7.41 -7.38 -26.50
CA LYS A 307 7.76 -6.09 -27.08
C LYS A 307 9.18 -6.16 -27.65
N MET A 308 10.07 -6.89 -26.96
CA MET A 308 11.41 -7.18 -27.43
C MET A 308 11.33 -7.85 -28.81
N GLY A 309 12.44 -7.74 -29.56
CA GLY A 309 12.42 -8.02 -30.99
C GLY A 309 12.78 -9.47 -31.30
N LYS A 310 12.14 -10.40 -30.60
CA LYS A 310 12.41 -11.82 -30.76
C LYS A 310 11.13 -12.54 -31.17
N GLU A 311 11.31 -13.65 -31.91
CA GLU A 311 10.22 -14.36 -32.55
C GLU A 311 9.55 -15.29 -31.54
N TYR A 312 10.33 -15.80 -30.58
CA TYR A 312 9.89 -16.80 -29.63
C TYR A 312 10.13 -16.32 -28.21
N ILE A 313 9.13 -16.56 -27.35
CA ILE A 313 9.26 -16.39 -25.91
C ILE A 313 9.41 -17.77 -25.29
N ILE A 314 10.51 -17.95 -24.56
CA ILE A 314 10.84 -19.24 -23.98
C ILE A 314 10.89 -19.07 -22.47
N VAL A 315 10.10 -19.90 -21.76
CA VAL A 315 9.87 -19.74 -20.34
C VAL A 315 10.21 -21.05 -19.64
N GLU A 316 11.01 -20.95 -18.58
CA GLU A 316 11.29 -22.07 -17.71
C GLU A 316 10.02 -22.45 -16.95
N GLY A 317 9.78 -23.76 -16.83
CA GLY A 317 8.71 -24.27 -15.98
C GLY A 317 9.11 -24.24 -14.52
N PHE A 318 8.12 -24.40 -13.63
CA PHE A 318 8.34 -24.34 -12.19
C PHE A 318 7.65 -25.55 -11.56
N GLU A 319 8.05 -25.86 -10.31
CA GLU A 319 7.33 -26.81 -9.49
C GLU A 319 5.83 -26.53 -9.57
N GLU A 320 5.00 -27.59 -9.62
CA GLU A 320 3.56 -27.48 -9.45
C GLU A 320 3.21 -27.48 -7.97
N ARG A 321 3.71 -26.49 -7.23
CA ARG A 321 3.46 -26.42 -5.79
C ARG A 321 3.42 -24.95 -5.37
N GLY A 322 2.75 -24.72 -4.24
CA GLY A 322 2.54 -23.38 -3.71
C GLY A 322 2.01 -22.44 -4.78
N ILE A 323 2.48 -21.19 -4.73
CA ILE A 323 2.01 -20.17 -5.65
C ILE A 323 2.44 -20.52 -7.07
N LEU A 324 3.52 -21.31 -7.23
CA LEU A 324 4.01 -21.67 -8.55
C LEU A 324 3.04 -22.60 -9.28
N PHE A 325 2.19 -23.32 -8.53
CA PHE A 325 1.09 -24.09 -9.10
C PHE A 325 0.23 -23.16 -9.97
N ALA A 326 -0.20 -22.05 -9.36
CA ALA A 326 -1.02 -21.08 -10.06
C ALA A 326 -0.25 -20.52 -11.26
N VAL A 327 1.04 -20.22 -11.07
CA VAL A 327 1.85 -19.66 -12.15
C VAL A 327 1.84 -20.61 -13.33
N MET A 328 2.09 -21.90 -13.06
CA MET A 328 2.17 -22.91 -14.11
C MET A 328 0.82 -23.07 -14.81
N ASN A 329 -0.28 -23.02 -14.05
CA ASN A 329 -1.62 -23.06 -14.61
C ASN A 329 -1.78 -21.98 -15.66
N ARG A 330 -1.34 -20.76 -15.34
CA ARG A 330 -1.44 -19.63 -16.25
C ARG A 330 -0.53 -19.83 -17.47
N LEU A 331 0.71 -20.28 -17.23
CA LEU A 331 1.66 -20.46 -18.33
C LEU A 331 1.18 -21.56 -19.27
N ARG A 332 0.61 -22.65 -18.73
CA ARG A 332 0.08 -23.72 -19.54
C ARG A 332 -1.03 -23.20 -20.47
N LYS A 333 -1.93 -22.37 -19.94
CA LYS A 333 -3.05 -21.90 -20.73
C LYS A 333 -2.58 -20.90 -21.79
N ALA A 334 -1.34 -20.40 -21.65
CA ALA A 334 -0.81 -19.38 -22.53
C ALA A 334 0.09 -19.98 -23.61
N ALA A 335 0.72 -21.12 -23.33
CA ALA A 335 1.80 -21.65 -24.16
C ALA A 335 1.26 -22.08 -25.52
N THR A 336 2.06 -21.87 -26.57
CA THR A 336 1.81 -22.47 -27.88
C THR A 336 2.37 -23.89 -27.89
N GLU A 337 3.47 -24.12 -27.15
CA GLU A 337 4.03 -25.46 -27.04
C GLU A 337 4.54 -25.69 -25.62
N ILE A 338 4.23 -26.88 -25.08
CA ILE A 338 4.80 -27.32 -23.81
C ILE A 338 5.76 -28.47 -24.09
N VAL A 339 6.86 -28.51 -23.33
CA VAL A 339 7.95 -29.44 -23.53
C VAL A 339 8.14 -30.23 -22.24
N ARG A 340 7.68 -31.49 -22.27
CA ARG A 340 7.32 -32.23 -21.06
C ARG A 340 8.59 -32.72 -20.35
N ALA B 5 28.01 0.03 7.73
CA ALA B 5 26.88 -0.89 8.03
C ALA B 5 26.55 -1.80 6.83
N SER B 6 27.13 -1.54 5.66
CA SER B 6 26.71 -2.21 4.45
C SER B 6 25.19 -2.22 4.36
N THR B 7 24.62 -1.05 4.08
CA THR B 7 23.19 -0.85 4.08
C THR B 7 22.52 -1.67 2.98
N ARG B 8 21.48 -2.42 3.35
CA ARG B 8 20.63 -3.06 2.37
C ARG B 8 19.30 -2.31 2.33
N VAL B 9 18.73 -2.23 1.13
CA VAL B 9 17.40 -1.66 0.94
C VAL B 9 16.52 -2.73 0.33
N LEU B 10 15.54 -3.23 1.10
CA LEU B 10 14.65 -4.27 0.63
C LEU B 10 13.26 -3.70 0.43
N LYS B 11 12.78 -3.77 -0.83
CA LYS B 11 11.48 -3.25 -1.20
C LYS B 11 10.44 -4.32 -0.86
N VAL B 12 9.32 -3.91 -0.26
CA VAL B 12 8.21 -4.81 0.03
C VAL B 12 6.92 -4.14 -0.42
N ASP B 13 5.93 -4.99 -0.72
CA ASP B 13 4.58 -4.52 -0.93
C ASP B 13 3.99 -4.00 0.39
N PRO B 14 3.29 -2.85 0.38
CA PRO B 14 2.70 -2.32 1.60
C PRO B 14 1.50 -3.09 2.16
N LEU B 15 0.79 -3.86 1.31
CA LEU B 15 -0.40 -4.60 1.72
C LEU B 15 -0.01 -5.99 2.20
N PHE B 16 0.79 -6.69 1.39
CA PHE B 16 1.18 -8.06 1.65
C PHE B 16 2.71 -8.16 1.55
N PRO B 17 3.43 -7.60 2.54
CA PRO B 17 4.88 -7.64 2.51
C PRO B 17 5.44 -9.05 2.64
N ASP B 18 6.46 -9.35 1.84
CA ASP B 18 7.19 -10.60 1.93
C ASP B 18 7.67 -10.81 3.36
N GLU B 19 7.23 -11.90 3.98
CA GLU B 19 7.55 -12.13 5.39
C GLU B 19 9.02 -12.51 5.56
N LYS B 20 9.68 -12.98 4.50
CA LYS B 20 11.10 -13.27 4.54
C LYS B 20 11.91 -12.01 4.84
N VAL B 21 11.55 -10.89 4.19
CA VAL B 21 12.17 -9.60 4.46
C VAL B 21 11.92 -9.17 5.90
N LEU B 22 10.67 -9.30 6.35
CA LEU B 22 10.32 -8.87 7.70
C LEU B 22 11.08 -9.71 8.75
N LYS B 23 11.30 -10.99 8.46
CA LYS B 23 12.04 -11.88 9.34
C LYS B 23 13.51 -11.45 9.44
N GLU B 24 14.12 -11.13 8.29
CA GLU B 24 15.47 -10.59 8.26
C GLU B 24 15.52 -9.37 9.18
N ALA B 25 14.58 -8.44 9.02
CA ALA B 25 14.55 -7.23 9.83
C ALA B 25 14.41 -7.57 11.31
N ALA B 26 13.56 -8.56 11.62
CA ALA B 26 13.37 -8.99 13.00
C ALA B 26 14.66 -9.57 13.59
N GLU B 27 15.41 -10.32 12.78
CA GLU B 27 16.70 -10.86 13.22
C GLU B 27 17.63 -9.72 13.62
N LEU B 28 17.73 -8.69 12.77
CA LEU B 28 18.56 -7.54 13.04
C LEU B 28 18.13 -6.89 14.36
N LEU B 29 16.82 -6.77 14.57
CA LEU B 29 16.31 -6.18 15.81
C LEU B 29 16.75 -7.03 17.00
N ARG B 30 16.61 -8.37 16.85
CA ARG B 30 17.02 -9.29 17.90
C ARG B 30 18.50 -9.08 18.21
N ASN B 31 19.32 -8.79 17.18
CA ASN B 31 20.75 -8.59 17.41
C ASN B 31 21.06 -7.18 17.92
N GLY B 32 20.05 -6.40 18.32
CA GLY B 32 20.32 -5.08 18.89
C GLY B 32 20.71 -4.04 17.84
N GLU B 33 20.33 -4.27 16.57
CA GLU B 33 20.61 -3.33 15.50
C GLU B 33 19.42 -2.38 15.31
N VAL B 34 19.71 -1.26 14.63
CA VAL B 34 18.72 -0.28 14.26
C VAL B 34 18.34 -0.52 12.80
N ILE B 35 17.04 -0.41 12.51
CA ILE B 35 16.58 -0.60 11.15
C ILE B 35 15.57 0.50 10.85
N ILE B 36 15.29 0.72 9.56
CA ILE B 36 14.34 1.74 9.15
C ILE B 36 13.19 1.05 8.42
N PHE B 37 11.96 1.46 8.74
CA PHE B 37 10.76 0.81 8.27
C PHE B 37 9.68 1.85 8.01
N PRO B 38 8.77 1.57 7.06
CA PRO B 38 7.66 2.46 6.77
C PRO B 38 6.56 2.41 7.83
N THR B 39 5.82 3.52 7.97
CA THR B 39 4.51 3.52 8.61
C THR B 39 3.61 4.38 7.71
N GLU B 40 2.35 4.57 8.14
CA GLU B 40 1.41 5.38 7.38
C GLU B 40 1.66 6.87 7.57
N THR B 41 2.46 7.25 8.58
CA THR B 41 2.77 8.66 8.80
C THR B 41 4.08 9.01 8.09
N VAL B 42 5.18 8.61 8.72
CA VAL B 42 6.52 8.78 8.20
C VAL B 42 7.33 7.50 8.46
N TYR B 43 8.51 7.41 7.83
CA TYR B 43 9.42 6.31 8.07
C TYR B 43 9.89 6.44 9.51
N GLY B 44 10.09 5.28 10.14
CA GLY B 44 10.63 5.22 11.49
C GLY B 44 12.03 4.63 11.49
N ILE B 45 12.84 5.06 12.45
CA ILE B 45 14.14 4.44 12.70
C ILE B 45 14.04 3.75 14.05
N GLY B 46 14.17 2.42 14.03
CA GLY B 46 13.60 1.58 15.07
C GLY B 46 14.63 0.63 15.67
N ALA B 47 14.43 0.33 16.96
CA ALA B 47 15.19 -0.68 17.69
C ALA B 47 14.26 -1.37 18.68
N ASP B 48 14.71 -2.53 19.18
CA ASP B 48 14.07 -3.28 20.25
C ASP B 48 13.83 -2.34 21.44
N ALA B 49 12.55 -2.10 21.75
CA ALA B 49 12.17 -1.16 22.80
C ALA B 49 12.61 -1.60 24.19
N TYR B 50 13.04 -2.87 24.35
CA TYR B 50 13.54 -3.38 25.64
C TYR B 50 15.07 -3.37 25.68
N ASN B 51 15.73 -2.87 24.63
CA ASN B 51 17.19 -2.94 24.53
C ASN B 51 17.80 -1.54 24.66
N GLU B 52 18.42 -1.30 25.81
CA GLU B 52 18.99 -0.01 26.17
C GLU B 52 20.02 0.43 25.13
N GLU B 53 20.99 -0.43 24.83
CA GLU B 53 22.11 -0.03 23.98
C GLU B 53 21.62 0.24 22.55
N ALA B 54 20.69 -0.59 22.08
CA ALA B 54 20.16 -0.44 20.73
C ALA B 54 19.45 0.91 20.60
N CYS B 55 18.69 1.28 21.63
CA CYS B 55 17.93 2.51 21.60
C CYS B 55 18.86 3.73 21.77
N LYS B 56 19.98 3.56 22.47
CA LYS B 56 20.97 4.62 22.55
C LYS B 56 21.48 4.93 21.14
N LYS B 57 21.64 3.90 20.30
CA LYS B 57 22.13 4.10 18.95
C LYS B 57 21.20 5.01 18.14
N ILE B 58 19.88 4.92 18.36
CA ILE B 58 18.92 5.76 17.65
C ILE B 58 19.21 7.23 17.94
N PHE B 59 19.42 7.56 19.22
CA PHE B 59 19.73 8.94 19.59
C PHE B 59 21.01 9.41 18.88
N LYS B 60 22.07 8.57 18.88
CA LYS B 60 23.33 8.95 18.26
C LYS B 60 23.12 9.15 16.75
N LEU B 61 22.47 8.18 16.10
CA LEU B 61 22.32 8.21 14.65
C LEU B 61 21.56 9.46 14.21
N LYS B 62 20.57 9.88 15.00
CA LYS B 62 19.76 11.03 14.67
C LYS B 62 20.40 12.34 15.12
N GLU B 63 21.34 12.27 16.08
CA GLU B 63 21.85 13.46 16.77
C GLU B 63 20.67 14.09 17.51
N ARG B 64 19.93 13.25 18.24
CA ARG B 64 18.72 13.66 18.91
C ARG B 64 19.02 13.87 20.39
N PRO B 65 18.50 14.95 21.03
CA PRO B 65 18.75 15.17 22.44
C PRO B 65 18.11 14.10 23.32
N ALA B 66 18.82 13.71 24.39
CA ALA B 66 18.43 12.57 25.21
C ALA B 66 17.10 12.79 25.92
N ASP B 67 16.72 14.06 26.12
CA ASP B 67 15.52 14.39 26.86
C ASP B 67 14.28 14.29 25.97
N ASN B 68 14.45 13.90 24.70
CA ASN B 68 13.33 13.80 23.77
C ASN B 68 12.94 12.34 23.61
N PRO B 69 11.84 11.86 24.26
CA PRO B 69 11.60 10.43 24.35
C PRO B 69 11.16 9.82 23.03
N LEU B 70 11.28 8.49 22.93
CA LEU B 70 10.95 7.73 21.74
C LEU B 70 9.53 7.19 21.83
N ILE B 71 8.82 7.12 20.70
CA ILE B 71 7.51 6.51 20.64
C ILE B 71 7.64 4.99 20.50
N VAL B 72 6.99 4.27 21.43
CA VAL B 72 6.97 2.82 21.44
C VAL B 72 5.81 2.34 20.55
N HIS B 73 6.15 1.54 19.52
CA HIS B 73 5.17 1.02 18.59
C HIS B 73 4.77 -0.39 18.98
N ILE B 74 3.45 -0.65 18.98
CA ILE B 74 2.87 -1.92 19.40
C ILE B 74 1.94 -2.41 18.31
N HIS B 75 1.62 -3.72 18.31
CA HIS B 75 0.73 -4.28 17.30
C HIS B 75 -0.59 -4.77 17.88
N SER B 76 -0.76 -4.79 19.21
CA SER B 76 -1.98 -5.32 19.80
C SER B 76 -2.30 -4.63 21.12
N PHE B 77 -3.58 -4.69 21.48
CA PHE B 77 -4.07 -4.19 22.76
C PHE B 77 -3.49 -4.98 23.93
N LYS B 78 -3.24 -6.28 23.76
CA LYS B 78 -2.60 -7.07 24.80
C LYS B 78 -1.28 -6.41 25.21
N GLN B 79 -0.57 -5.85 24.22
CA GLN B 79 0.77 -5.33 24.41
C GLN B 79 0.73 -4.00 25.17
N LEU B 80 -0.35 -3.24 24.95
CA LEU B 80 -0.60 -2.01 25.69
C LEU B 80 -0.66 -2.28 27.19
N GLU B 81 -1.26 -3.41 27.53
CA GLU B 81 -1.47 -3.82 28.91
C GLU B 81 -0.13 -4.10 29.59
N GLU B 82 0.88 -4.49 28.81
CA GLU B 82 2.19 -4.77 29.35
C GLU B 82 2.95 -3.47 29.67
N ILE B 83 2.76 -2.42 28.87
CA ILE B 83 3.69 -1.28 28.92
C ILE B 83 3.07 -0.05 29.62
N ALA B 84 1.73 0.07 29.60
CA ALA B 84 1.05 1.23 30.16
C ALA B 84 0.06 0.83 31.25
N GLU B 85 -0.22 1.77 32.17
CA GLU B 85 -1.27 1.61 33.16
C GLU B 85 -2.14 2.87 33.19
N GLY B 86 -3.45 2.65 33.40
CA GLY B 86 -4.39 3.75 33.60
C GLY B 86 -5.12 4.11 32.32
N TYR B 87 -5.09 3.21 31.33
CA TYR B 87 -5.59 3.51 30.00
C TYR B 87 -7.03 3.03 29.85
N GLU B 88 -7.51 2.23 30.80
CA GLU B 88 -8.76 1.48 30.66
C GLU B 88 -9.92 2.40 30.34
N PRO B 89 -10.06 3.57 31.03
CA PRO B 89 -11.13 4.51 30.70
C PRO B 89 -11.11 5.05 29.26
N HIS B 90 -10.00 4.83 28.55
CA HIS B 90 -9.81 5.40 27.22
C HIS B 90 -9.81 4.34 26.13
N LEU B 91 -10.08 3.07 26.50
CA LEU B 91 -9.99 1.96 25.55
C LEU B 91 -10.95 2.13 24.37
N ASP B 92 -12.13 2.70 24.60
CA ASP B 92 -13.13 2.83 23.54
C ASP B 92 -12.62 3.86 22.53
N PHE B 93 -11.94 4.89 23.04
CA PHE B 93 -11.32 5.91 22.22
C PHE B 93 -10.18 5.28 21.41
N LEU B 94 -9.31 4.53 22.09
CA LEU B 94 -8.18 3.90 21.43
C LEU B 94 -8.66 2.98 20.32
N LYS B 95 -9.74 2.23 20.59
CA LYS B 95 -10.25 1.25 19.64
C LYS B 95 -10.89 1.94 18.44
N LYS B 96 -11.22 3.23 18.57
CA LYS B 96 -11.74 3.99 17.45
C LYS B 96 -10.62 4.44 16.52
N PHE B 97 -9.40 4.63 17.05
CA PHE B 97 -8.35 5.31 16.31
C PHE B 97 -7.15 4.41 16.03
N TRP B 98 -7.05 3.27 16.73
CA TRP B 98 -5.97 2.32 16.53
C TRP B 98 -6.43 1.04 15.85
N PRO B 99 -5.64 0.44 14.94
CA PRO B 99 -4.40 1.06 14.44
C PRO B 99 -4.64 2.34 13.66
N GLY B 100 -3.72 3.31 13.81
CA GLY B 100 -3.87 4.54 13.06
C GLY B 100 -2.88 5.62 13.51
N PRO B 101 -2.89 6.77 12.80
CA PRO B 101 -1.88 7.82 12.96
C PRO B 101 -1.99 8.62 14.24
N LEU B 102 -1.94 7.93 15.38
CA LEU B 102 -2.17 8.52 16.68
C LEU B 102 -1.16 7.95 17.67
N THR B 103 -0.50 8.84 18.41
CA THR B 103 0.31 8.50 19.55
C THR B 103 -0.38 9.04 20.81
N VAL B 104 -0.36 8.24 21.89
CA VAL B 104 -0.97 8.62 23.14
C VAL B 104 0.08 8.48 24.23
N ILE B 105 0.08 9.45 25.16
CA ILE B 105 0.93 9.40 26.34
C ILE B 105 0.16 8.76 27.49
N PHE B 106 0.76 7.70 28.09
CA PHE B 106 0.21 6.99 29.23
C PHE B 106 1.26 6.91 30.32
N ARG B 107 0.83 6.66 31.56
CA ARG B 107 1.77 6.35 32.63
C ARG B 107 2.48 5.03 32.29
N LYS B 108 3.78 4.99 32.53
CA LYS B 108 4.61 3.83 32.23
C LYS B 108 4.38 2.76 33.29
N LYS B 109 3.91 1.58 32.88
CA LYS B 109 3.94 0.40 33.73
C LYS B 109 5.29 -0.30 33.58
N SER B 110 5.72 -0.47 32.32
CA SER B 110 6.78 -1.39 31.93
C SER B 110 8.06 -1.23 32.74
N GLU B 111 8.57 -2.37 33.23
CA GLU B 111 9.93 -2.52 33.72
C GLU B 111 10.88 -2.74 32.53
N LYS B 112 10.39 -3.44 31.50
CA LYS B 112 11.25 -3.87 30.38
C LYS B 112 11.72 -2.68 29.53
N ILE B 113 10.96 -1.57 29.49
CA ILE B 113 11.33 -0.44 28.66
C ILE B 113 12.28 0.46 29.43
N PRO B 114 13.58 0.51 29.08
CA PRO B 114 14.56 1.24 29.87
C PRO B 114 14.36 2.75 29.81
N PRO B 115 14.96 3.52 30.77
CA PRO B 115 14.77 4.96 30.84
C PRO B 115 15.16 5.73 29.59
N VAL B 116 16.17 5.24 28.86
CA VAL B 116 16.64 5.91 27.67
C VAL B 116 15.47 6.11 26.69
N VAL B 117 14.59 5.10 26.57
CA VAL B 117 13.46 5.15 25.65
C VAL B 117 12.52 6.27 26.07
N THR B 118 12.24 6.38 27.37
CA THR B 118 11.21 7.28 27.86
C THR B 118 11.80 8.59 28.38
N ALA B 119 13.12 8.79 28.21
CA ALA B 119 13.80 10.00 28.62
C ALA B 119 13.60 10.24 30.12
N ASP B 120 13.66 9.16 30.90
CA ASP B 120 13.57 9.19 32.35
C ASP B 120 12.22 9.68 32.84
N LEU B 121 11.22 9.76 31.97
CA LEU B 121 9.90 10.23 32.37
C LEU B 121 9.13 9.07 32.97
N PRO B 122 8.11 9.34 33.83
CA PRO B 122 7.19 8.30 34.29
C PRO B 122 6.05 8.00 33.32
N THR B 123 6.15 8.59 32.11
CA THR B 123 5.19 8.32 31.05
C THR B 123 5.88 7.63 29.88
N VAL B 124 5.06 6.98 29.06
CA VAL B 124 5.50 6.32 27.84
C VAL B 124 4.56 6.76 26.71
N ALA B 125 5.15 7.05 25.55
CA ALA B 125 4.39 7.41 24.37
C ALA B 125 4.19 6.17 23.52
N VAL B 126 2.93 5.86 23.19
CA VAL B 126 2.58 4.60 22.56
C VAL B 126 1.82 4.86 21.26
N ARG B 127 2.11 4.05 20.24
CA ARG B 127 1.46 4.16 18.95
C ARG B 127 1.25 2.76 18.35
N MET B 128 0.06 2.53 17.80
CA MET B 128 -0.25 1.31 17.09
C MET B 128 -0.45 1.71 15.63
N PRO B 129 0.59 1.52 14.78
CA PRO B 129 0.54 2.02 13.42
C PRO B 129 -0.36 1.23 12.48
N ALA B 130 -1.16 1.96 11.70
CA ALA B 130 -1.95 1.36 10.65
C ALA B 130 -1.10 1.21 9.40
N HIS B 131 -0.17 0.26 9.44
CA HIS B 131 0.62 -0.09 8.27
C HIS B 131 0.95 -1.56 8.40
N PRO B 132 0.49 -2.41 7.46
CA PRO B 132 0.74 -3.84 7.55
C PRO B 132 2.22 -4.18 7.75
N VAL B 133 3.11 -3.42 7.11
CA VAL B 133 4.54 -3.69 7.22
C VAL B 133 5.01 -3.54 8.67
N ALA B 134 4.63 -2.42 9.29
CA ALA B 134 4.99 -2.13 10.67
C ALA B 134 4.35 -3.13 11.63
N LEU B 135 3.06 -3.41 11.44
CA LEU B 135 2.32 -4.33 12.30
C LEU B 135 2.91 -5.73 12.25
N LYS B 136 3.12 -6.26 11.04
CA LYS B 136 3.64 -7.60 10.85
C LYS B 136 5.07 -7.67 11.40
N LEU B 137 5.84 -6.59 11.22
CA LEU B 137 7.21 -6.55 11.70
C LEU B 137 7.22 -6.65 13.22
N ILE B 138 6.40 -5.83 13.89
CA ILE B 138 6.34 -5.82 15.33
C ILE B 138 5.95 -7.22 15.83
N GLU B 139 4.91 -7.79 15.22
CA GLU B 139 4.40 -9.09 15.62
C GLU B 139 5.50 -10.14 15.50
N LEU B 140 6.12 -10.19 14.32
CA LEU B 140 7.10 -11.19 13.98
C LEU B 140 8.30 -11.09 14.91
N PHE B 141 8.72 -9.86 15.21
CA PHE B 141 9.86 -9.61 16.07
C PHE B 141 9.55 -10.02 17.52
N GLY B 142 8.35 -9.67 18.00
CA GLY B 142 7.85 -10.17 19.27
C GLY B 142 8.11 -9.21 20.43
N HIS B 143 8.73 -8.06 20.16
CA HIS B 143 8.77 -6.97 21.13
C HIS B 143 8.21 -5.71 20.50
N PRO B 144 7.75 -4.73 21.29
CA PRO B 144 7.53 -3.39 20.77
C PRO B 144 8.81 -2.79 20.19
N ILE B 145 8.65 -1.86 19.25
CA ILE B 145 9.77 -1.20 18.62
C ILE B 145 9.70 0.29 18.97
N ALA B 146 10.78 0.79 19.58
CA ALA B 146 10.97 2.21 19.81
C ALA B 146 11.47 2.88 18.53
N ALA B 147 10.75 3.89 18.04
CA ALA B 147 11.09 4.46 16.74
C ALA B 147 10.60 5.89 16.61
N PRO B 148 11.51 6.89 16.65
CA PRO B 148 11.17 8.23 16.19
C PRO B 148 11.19 8.27 14.67
N SER B 149 10.91 9.43 14.09
CA SER B 149 10.96 9.58 12.65
C SER B 149 12.37 9.32 12.12
N ALA B 150 12.43 8.74 10.93
CA ALA B 150 13.69 8.39 10.30
C ALA B 150 14.27 9.62 9.61
N ASN B 151 15.08 10.39 10.33
CA ASN B 151 15.80 11.50 9.74
C ASN B 151 16.84 11.99 10.72
N ILE B 152 17.87 12.67 10.21
CA ILE B 152 18.76 13.43 11.08
C ILE B 152 17.89 14.50 11.74
N SER B 153 18.07 14.69 13.05
CA SER B 153 17.31 15.71 13.75
C SER B 153 17.64 17.07 13.12
N GLY B 154 16.60 17.82 12.73
CA GLY B 154 16.81 19.05 11.98
C GLY B 154 16.33 18.96 10.53
N ARG B 155 16.52 17.79 9.89
CA ARG B 155 16.05 17.58 8.53
CA ARG B 155 16.05 17.61 8.53
C ARG B 155 14.56 17.24 8.60
N PRO B 156 13.78 17.41 7.52
CA PRO B 156 12.39 16.95 7.52
C PRO B 156 12.28 15.43 7.62
N SER B 157 11.25 14.97 8.33
CA SER B 157 10.94 13.56 8.47
C SER B 157 10.84 12.88 7.10
N ALA B 158 11.52 11.73 6.98
CA ALA B 158 11.56 11.01 5.73
C ALA B 158 10.18 10.42 5.44
N THR B 159 9.70 10.63 4.21
CA THR B 159 8.45 10.07 3.75
C THR B 159 8.68 9.13 2.57
N ASN B 160 9.93 8.95 2.16
CA ASN B 160 10.26 7.95 1.16
C ASN B 160 11.74 7.55 1.28
N VAL B 161 12.11 6.47 0.59
CA VAL B 161 13.41 5.85 0.78
C VAL B 161 14.53 6.77 0.28
N LYS B 162 14.25 7.60 -0.72
CA LYS B 162 15.22 8.58 -1.21
C LYS B 162 15.69 9.45 -0.04
N HIS B 163 14.76 9.94 0.79
CA HIS B 163 15.10 10.75 1.93
C HIS B 163 15.87 9.97 2.98
N VAL B 164 15.43 8.74 3.22
CA VAL B 164 16.13 7.89 4.18
C VAL B 164 17.58 7.69 3.72
N ILE B 165 17.75 7.41 2.42
CA ILE B 165 19.08 7.15 1.91
C ILE B 165 19.94 8.39 2.13
N GLU B 166 19.38 9.58 1.89
CA GLU B 166 20.14 10.82 2.05
C GLU B 166 20.71 10.92 3.45
N ASP B 167 19.96 10.49 4.46
CA ASP B 167 20.33 10.71 5.84
C ASP B 167 21.10 9.52 6.43
N PHE B 168 20.90 8.29 5.91
CA PHE B 168 21.35 7.12 6.64
C PHE B 168 22.13 6.11 5.80
N MET B 169 22.41 6.38 4.52
CA MET B 169 23.18 5.43 3.73
C MET B 169 24.52 5.18 4.44
N GLY B 170 24.86 3.89 4.58
CA GLY B 170 26.09 3.47 5.21
C GLY B 170 26.01 3.48 6.74
N LYS B 171 24.88 3.91 7.32
CA LYS B 171 24.80 4.11 8.76
C LYS B 171 23.92 3.06 9.44
N VAL B 172 22.96 2.49 8.71
CA VAL B 172 22.12 1.44 9.26
C VAL B 172 22.17 0.24 8.31
N LYS B 173 21.91 -0.95 8.87
CA LYS B 173 22.11 -2.18 8.14
C LYS B 173 20.95 -2.47 7.19
N LEU B 174 19.75 -1.99 7.53
CA LEU B 174 18.57 -2.34 6.74
C LEU B 174 17.57 -1.20 6.69
N ILE B 175 17.12 -0.89 5.46
CA ILE B 175 16.00 -0.02 5.19
C ILE B 175 14.95 -0.84 4.46
N ILE B 176 13.74 -0.87 4.99
CA ILE B 176 12.61 -1.48 4.29
C ILE B 176 11.88 -0.38 3.54
N ASP B 177 11.71 -0.57 2.24
CA ASP B 177 11.09 0.40 1.37
C ASP B 177 9.68 -0.07 0.99
N ALA B 178 8.66 0.71 1.34
CA ALA B 178 7.29 0.41 0.96
C ALA B 178 6.66 1.59 0.25
N GLY B 179 7.51 2.42 -0.39
CA GLY B 179 7.05 3.57 -1.15
C GLY B 179 6.88 4.81 -0.27
N ASP B 180 6.21 5.80 -0.84
CA ASP B 180 5.86 7.04 -0.15
C ASP B 180 4.87 6.74 0.96
N THR B 181 5.05 7.38 2.12
CA THR B 181 4.13 7.15 3.22
C THR B 181 2.81 7.82 2.90
N PRO B 182 1.68 7.12 3.18
CA PRO B 182 0.33 7.66 3.00
C PRO B 182 0.14 9.11 3.42
N PHE B 183 0.39 9.45 4.69
CA PHE B 183 -0.02 10.76 5.20
C PHE B 183 1.08 11.80 5.04
N GLY B 184 2.35 11.40 5.15
CA GLY B 184 3.46 12.31 4.94
C GLY B 184 3.78 13.16 6.16
N LEU B 185 3.02 13.02 7.27
CA LEU B 185 3.22 13.80 8.49
C LEU B 185 3.18 12.86 9.68
N GLU B 186 3.90 13.24 10.75
CA GLU B 186 4.01 12.43 11.95
C GLU B 186 2.66 12.34 12.66
N SER B 187 2.48 11.26 13.40
CA SER B 187 1.24 10.99 14.12
C SER B 187 0.85 12.15 15.03
N THR B 188 -0.47 12.38 15.15
CA THR B 188 -1.01 13.21 16.22
C THR B 188 -0.55 12.63 17.57
N ILE B 189 -0.09 13.48 18.49
CA ILE B 189 0.21 13.05 19.86
C ILE B 189 -0.78 13.69 20.82
N VAL B 190 -1.45 12.84 21.63
CA VAL B 190 -2.36 13.30 22.68
C VAL B 190 -1.87 12.73 24.02
N ASP B 191 -1.72 13.62 25.00
CA ASP B 191 -1.38 13.24 26.37
C ASP B 191 -2.70 13.04 27.12
N LEU B 192 -2.86 11.83 27.69
CA LEU B 192 -4.05 11.47 28.45
C LEU B 192 -3.71 11.24 29.92
N THR B 193 -2.57 11.74 30.41
CA THR B 193 -2.17 11.51 31.78
C THR B 193 -2.58 12.67 32.69
N LYS B 194 -2.97 13.82 32.12
CA LYS B 194 -3.37 14.96 32.94
C LYS B 194 -4.89 15.02 33.03
N GLU B 195 -5.37 15.86 33.96
CA GLU B 195 -6.78 16.12 34.21
C GLU B 195 -7.52 16.35 32.90
N LYS B 196 -6.99 17.25 32.08
CA LYS B 196 -7.55 17.48 30.75
C LYS B 196 -6.57 16.92 29.71
N PRO B 197 -7.05 16.34 28.60
CA PRO B 197 -6.15 15.88 27.54
C PRO B 197 -5.45 17.03 26.82
N VAL B 198 -4.15 16.83 26.51
CA VAL B 198 -3.31 17.85 25.89
C VAL B 198 -2.87 17.37 24.51
N LEU B 199 -3.06 18.22 23.50
CA LEU B 199 -2.50 18.00 22.17
C LEU B 199 -1.04 18.42 22.16
N LEU B 200 -0.12 17.45 22.03
CA LEU B 200 1.31 17.76 22.06
C LEU B 200 1.86 17.98 20.64
N ARG B 201 1.19 17.42 19.63
CA ARG B 201 1.65 17.51 18.26
C ARG B 201 0.46 17.22 17.34
N PRO B 202 0.08 18.16 16.45
CA PRO B 202 -0.99 17.90 15.51
C PRO B 202 -0.55 16.96 14.39
N GLY B 203 -1.49 16.20 13.86
CA GLY B 203 -1.18 15.22 12.84
C GLY B 203 -2.43 14.81 12.10
N PRO B 204 -2.43 13.65 11.42
CA PRO B 204 -3.57 13.17 10.66
C PRO B 204 -4.85 12.93 11.46
N VAL B 205 -4.76 12.72 12.78
CA VAL B 205 -5.96 12.76 13.60
C VAL B 205 -6.19 14.23 13.92
N GLU B 206 -7.27 14.79 13.35
CA GLU B 206 -7.47 16.22 13.25
C GLU B 206 -7.91 16.81 14.60
N VAL B 207 -7.48 18.04 14.85
CA VAL B 207 -7.78 18.73 16.09
C VAL B 207 -9.30 18.80 16.27
N GLU B 208 -10.03 19.02 15.17
CA GLU B 208 -11.46 19.22 15.23
C GLU B 208 -12.14 17.96 15.74
N ARG B 209 -11.68 16.80 15.26
CA ARG B 209 -12.22 15.52 15.66
C ARG B 209 -11.93 15.30 17.15
N LEU B 210 -10.73 15.68 17.60
CA LEU B 210 -10.35 15.47 18.98
C LEU B 210 -11.19 16.35 19.91
N LYS B 211 -11.56 17.56 19.45
CA LYS B 211 -12.34 18.49 20.26
C LYS B 211 -13.75 17.95 20.47
N GLU B 212 -14.33 17.35 19.43
CA GLU B 212 -15.64 16.73 19.50
C GLU B 212 -15.62 15.64 20.58
N LEU B 213 -14.51 14.90 20.65
CA LEU B 213 -14.40 13.80 21.60
C LEU B 213 -13.92 14.28 22.96
N PHE B 214 -13.18 15.40 23.01
CA PHE B 214 -12.59 15.90 24.23
C PHE B 214 -12.77 17.41 24.26
N PRO B 215 -13.96 17.91 24.67
CA PRO B 215 -14.21 19.35 24.66
C PRO B 215 -13.21 20.17 25.46
N GLU B 216 -12.59 19.56 26.48
CA GLU B 216 -11.61 20.25 27.30
C GLU B 216 -10.19 20.09 26.77
N LEU B 217 -10.01 19.59 25.54
CA LEU B 217 -8.69 19.43 24.95
C LEU B 217 -7.90 20.73 25.10
N VAL B 218 -6.70 20.65 25.67
CA VAL B 218 -5.83 21.81 25.69
C VAL B 218 -4.85 21.73 24.52
N VAL B 219 -4.66 22.89 23.89
CA VAL B 219 -3.76 23.11 22.78
C VAL B 219 -2.73 24.13 23.23
N PRO B 220 -1.56 23.68 23.72
CA PRO B 220 -0.56 24.60 24.22
C PRO B 220 -0.08 25.59 23.17
N ASP B 221 0.48 26.68 23.67
CA ASP B 221 0.99 27.76 22.83
C ASP B 221 2.00 27.22 21.83
N PHE B 222 2.84 26.27 22.27
CA PHE B 222 3.95 25.81 21.45
C PHE B 222 3.42 25.08 20.20
N VAL B 223 2.18 24.56 20.25
CA VAL B 223 1.56 23.93 19.10
C VAL B 223 1.14 24.99 18.07
N ARG B 224 0.75 26.18 18.56
CA ARG B 224 0.15 27.21 17.71
C ARG B 224 1.22 28.16 17.13
N LYS B 225 2.44 28.12 17.67
CA LYS B 225 3.46 29.11 17.35
C LYS B 225 4.70 28.42 16.78
N GLY B 226 5.74 29.23 16.53
CA GLY B 226 7.05 28.71 16.17
C GLY B 226 8.10 29.82 16.07
N ASN B 227 8.95 29.94 17.11
CA ASN B 227 10.02 30.93 17.18
C ASN B 227 10.46 31.12 18.63
N TYR B 239 18.99 19.64 17.68
CA TYR B 239 17.80 20.04 16.88
C TYR B 239 16.57 19.24 17.33
N ARG B 240 15.43 19.94 17.46
CA ARG B 240 14.18 19.34 17.91
C ARG B 240 13.06 19.51 16.88
N HIS B 241 13.38 20.10 15.72
CA HIS B 241 12.39 20.41 14.70
C HIS B 241 13.10 20.49 13.36
N TYR B 242 12.33 20.63 12.26
CA TYR B 242 12.90 20.83 10.94
C TYR B 242 13.59 22.20 10.93
N ALA B 243 14.88 22.21 10.55
CA ALA B 243 15.74 23.38 10.51
C ALA B 243 16.30 23.57 9.09
N PRO B 244 15.61 24.34 8.21
CA PRO B 244 15.89 24.29 6.76
C PRO B 244 17.32 24.64 6.37
N LEU B 245 17.78 24.10 5.23
CA LEU B 245 19.13 24.34 4.77
C LEU B 245 19.18 25.65 3.98
N LYS B 246 18.01 26.27 3.82
CA LYS B 246 17.88 27.58 3.21
C LYS B 246 16.88 28.39 4.02
N PRO B 247 16.97 29.73 4.01
CA PRO B 247 15.98 30.54 4.71
C PRO B 247 14.59 30.22 4.17
N LEU B 248 13.61 30.12 5.08
CA LEU B 248 12.27 29.74 4.69
C LEU B 248 11.32 30.84 5.14
N ILE B 249 10.62 31.42 4.15
CA ILE B 249 9.69 32.51 4.40
C ILE B 249 8.27 31.96 4.28
N LEU B 250 7.57 31.92 5.41
CA LEU B 250 6.21 31.42 5.43
C LEU B 250 5.27 32.61 5.33
N VAL B 251 4.52 32.66 4.22
CA VAL B 251 3.65 33.78 3.92
C VAL B 251 2.21 33.43 4.31
N GLU B 252 1.86 33.74 5.56
CA GLU B 252 0.53 33.51 6.10
C GLU B 252 -0.48 34.44 5.44
N ASP B 253 -0.13 35.72 5.26
CA ASP B 253 -1.01 36.67 4.59
C ASP B 253 -0.66 36.77 3.11
N LEU B 254 -1.39 36.02 2.29
CA LEU B 254 -1.05 35.88 0.88
C LEU B 254 -1.22 37.18 0.12
N THR B 255 -1.79 38.23 0.74
CA THR B 255 -1.91 39.50 0.04
C THR B 255 -0.55 40.18 0.00
N LYS B 256 0.34 39.80 0.92
CA LYS B 256 1.69 40.34 0.97
C LYS B 256 2.68 39.55 0.09
N MET B 257 2.22 38.54 -0.66
CA MET B 257 3.11 37.64 -1.38
C MET B 257 3.94 38.41 -2.41
N GLU B 258 3.34 39.40 -3.08
CA GLU B 258 4.05 40.12 -4.14
C GLU B 258 5.19 40.94 -3.54
N GLU B 259 4.97 41.52 -2.34
CA GLU B 259 5.99 42.25 -1.61
C GLU B 259 7.14 41.30 -1.24
N VAL B 260 6.79 40.14 -0.66
CA VAL B 260 7.76 39.14 -0.23
C VAL B 260 8.61 38.71 -1.42
N LEU B 261 7.98 38.45 -2.57
CA LEU B 261 8.68 37.98 -3.76
C LEU B 261 9.70 39.02 -4.21
N LYS B 262 9.33 40.30 -4.20
CA LYS B 262 10.22 41.36 -4.63
C LYS B 262 11.29 41.60 -3.58
N LYS B 263 10.95 41.42 -2.31
CA LYS B 263 11.91 41.64 -1.23
C LYS B 263 12.97 40.53 -1.17
N TYR B 264 12.61 39.31 -1.59
CA TYR B 264 13.52 38.18 -1.63
C TYR B 264 13.51 37.60 -3.05
N PRO B 265 14.10 38.32 -4.02
CA PRO B 265 13.91 38.02 -5.45
C PRO B 265 14.54 36.72 -5.92
N ASP B 266 15.49 36.18 -5.16
CA ASP B 266 16.15 34.94 -5.56
C ASP B 266 15.50 33.79 -4.78
N HIS B 267 14.55 33.09 -5.43
CA HIS B 267 13.66 32.22 -4.67
C HIS B 267 13.03 31.12 -5.52
N VAL B 268 12.59 30.08 -4.82
CA VAL B 268 11.62 29.13 -5.34
C VAL B 268 10.40 29.19 -4.42
N VAL B 269 9.21 29.11 -5.02
CA VAL B 269 7.97 29.15 -4.25
C VAL B 269 7.40 27.73 -4.12
N ILE B 270 7.01 27.35 -2.91
CA ILE B 270 6.21 26.15 -2.71
C ILE B 270 4.75 26.59 -2.64
N CYS B 271 3.92 26.11 -3.58
CA CYS B 271 2.58 26.63 -3.79
C CYS B 271 1.58 25.52 -4.10
N VAL B 272 0.29 25.87 -4.05
CA VAL B 272 -0.78 24.96 -4.39
C VAL B 272 -0.97 24.96 -5.90
N GLU B 273 -1.59 23.89 -6.40
CA GLU B 273 -1.91 23.69 -7.80
C GLU B 273 -2.65 24.90 -8.35
N GLU B 274 -3.64 25.37 -7.59
CA GLU B 274 -4.59 26.35 -8.07
C GLU B 274 -3.92 27.72 -8.27
N ARG B 275 -2.73 27.92 -7.71
CA ARG B 275 -2.04 29.21 -7.81
C ARG B 275 -0.71 29.07 -8.55
N LYS B 276 -0.46 27.93 -9.21
CA LYS B 276 0.86 27.62 -9.71
C LYS B 276 1.27 28.58 -10.84
N GLU B 277 0.28 29.19 -11.50
CA GLU B 277 0.52 30.09 -12.63
C GLU B 277 1.03 31.45 -12.14
N LEU B 278 0.93 31.72 -10.83
CA LEU B 278 1.33 33.01 -10.29
C LEU B 278 2.85 33.13 -10.22
N TYR B 279 3.60 32.03 -10.45
CA TYR B 279 5.00 32.01 -10.06
C TYR B 279 5.87 31.46 -11.18
N ASP B 280 7.09 32.00 -11.28
CA ASP B 280 8.05 31.59 -12.30
C ASP B 280 8.73 30.29 -11.89
N ASP B 281 9.39 30.29 -10.72
CA ASP B 281 10.04 29.09 -10.20
C ASP B 281 9.23 28.60 -9.01
N ARG B 282 8.61 27.42 -9.14
CA ARG B 282 7.74 26.94 -8.07
C ARG B 282 7.65 25.41 -8.05
N ILE B 283 7.55 24.86 -6.84
CA ILE B 283 7.24 23.46 -6.61
C ILE B 283 5.77 23.38 -6.19
N VAL B 284 4.97 22.61 -6.92
CA VAL B 284 3.57 22.42 -6.57
C VAL B 284 3.48 21.30 -5.56
N VAL B 285 3.17 21.63 -4.30
CA VAL B 285 3.15 20.64 -3.24
C VAL B 285 1.88 19.80 -3.28
N GLY B 286 0.80 20.35 -3.83
CA GLY B 286 -0.48 19.67 -3.93
C GLY B 286 -1.58 20.67 -4.23
N SER B 287 -2.84 20.24 -4.10
CA SER B 287 -3.98 21.12 -4.39
C SER B 287 -4.76 21.44 -3.11
N LEU B 288 -5.42 22.61 -3.11
CA LEU B 288 -6.41 22.95 -2.10
C LEU B 288 -7.63 22.03 -2.21
N LYS B 289 -7.91 21.53 -3.41
CA LYS B 289 -9.01 20.60 -3.64
C LYS B 289 -8.81 19.34 -2.79
N ASN B 290 -7.58 18.81 -2.73
CA ASN B 290 -7.26 17.60 -2.00
C ASN B 290 -6.21 17.94 -0.94
N PRO B 291 -6.58 18.58 0.19
CA PRO B 291 -5.58 19.05 1.14
C PRO B 291 -4.66 17.95 1.68
N TYR B 292 -5.09 16.69 1.57
CA TYR B 292 -4.25 15.56 1.95
C TYR B 292 -3.04 15.46 1.05
N SER B 293 -3.15 15.84 -0.24
CA SER B 293 -2.03 15.88 -1.15
C SER B 293 -0.93 16.78 -0.60
N ILE B 294 -1.31 17.92 0.00
CA ILE B 294 -0.34 18.88 0.49
C ILE B 294 0.43 18.28 1.66
N ALA B 295 -0.29 17.66 2.59
CA ALA B 295 0.31 17.00 3.73
C ALA B 295 1.26 15.88 3.29
N GLN B 296 0.85 15.12 2.27
CA GLN B 296 1.60 13.98 1.79
C GLN B 296 2.97 14.39 1.21
N ASN B 297 3.07 15.60 0.63
CA ASN B 297 4.19 15.99 -0.21
C ASN B 297 5.04 17.11 0.40
N ILE B 298 4.69 17.68 1.56
CA ILE B 298 5.35 18.90 1.98
C ILE B 298 6.82 18.64 2.35
N PHE B 299 7.11 17.55 3.06
CA PHE B 299 8.48 17.25 3.45
C PHE B 299 9.31 16.99 2.19
N SER B 300 8.77 16.24 1.22
CA SER B 300 9.43 16.02 -0.06
C SER B 300 9.75 17.35 -0.74
N ALA B 301 8.74 18.23 -0.80
CA ALA B 301 8.88 19.50 -1.49
C ALA B 301 10.02 20.32 -0.86
N LEU B 302 10.08 20.31 0.47
CA LEU B 302 11.11 21.03 1.21
C LEU B 302 12.51 20.49 0.84
N ARG B 303 12.68 19.16 0.89
CA ARG B 303 13.97 18.54 0.62
C ARG B 303 14.44 18.86 -0.81
N GLU B 304 13.48 18.84 -1.73
CA GLU B 304 13.68 19.18 -3.13
C GLU B 304 14.10 20.63 -3.29
N ALA B 305 13.42 21.55 -2.58
CA ALA B 305 13.75 22.96 -2.64
C ALA B 305 15.17 23.22 -2.15
N GLU B 306 15.59 22.49 -1.11
CA GLU B 306 16.90 22.67 -0.51
C GLU B 306 18.04 22.20 -1.42
N LYS B 307 17.71 21.48 -2.51
CA LYS B 307 18.71 21.04 -3.46
C LYS B 307 18.87 22.04 -4.60
N MET B 308 18.00 23.07 -4.63
CA MET B 308 18.01 24.04 -5.72
C MET B 308 19.03 25.16 -5.45
N GLY B 309 19.31 25.92 -6.52
CA GLY B 309 20.23 27.05 -6.46
C GLY B 309 19.58 28.31 -5.92
N LYS B 310 18.26 28.43 -6.05
CA LYS B 310 17.51 29.56 -5.51
C LYS B 310 17.80 29.74 -4.02
N GLU B 311 18.01 31.00 -3.62
CA GLU B 311 18.49 31.31 -2.28
C GLU B 311 17.40 31.04 -1.24
N TYR B 312 16.19 31.56 -1.50
CA TYR B 312 15.09 31.54 -0.54
C TYR B 312 14.01 30.54 -0.92
N ILE B 313 13.53 29.80 0.09
CA ILE B 313 12.31 29.03 -0.05
C ILE B 313 11.16 29.87 0.48
N ILE B 314 10.20 30.17 -0.41
CA ILE B 314 9.02 30.93 -0.02
C ILE B 314 7.83 29.98 -0.10
N VAL B 315 7.13 29.83 1.04
CA VAL B 315 6.02 28.89 1.15
C VAL B 315 4.72 29.66 1.38
N GLU B 316 3.72 29.38 0.53
CA GLU B 316 2.36 29.84 0.79
C GLU B 316 1.82 29.25 2.08
N GLY B 317 1.22 30.11 2.90
CA GLY B 317 0.52 29.68 4.11
C GLY B 317 -0.75 28.93 3.73
N PHE B 318 -1.21 28.06 4.64
CA PHE B 318 -2.43 27.29 4.43
C PHE B 318 -3.41 27.58 5.54
N GLU B 319 -4.69 27.32 5.27
CA GLU B 319 -5.76 27.37 6.27
C GLU B 319 -5.39 26.49 7.48
N GLU B 320 -5.53 27.04 8.69
CA GLU B 320 -5.07 26.37 9.90
C GLU B 320 -6.17 25.46 10.43
N ARG B 321 -6.54 24.46 9.61
CA ARG B 321 -7.70 23.61 9.85
C ARG B 321 -7.48 22.25 9.21
N GLY B 322 -8.13 21.22 9.78
CA GLY B 322 -7.99 19.87 9.28
C GLY B 322 -6.51 19.48 9.27
N ILE B 323 -6.10 18.74 8.25
CA ILE B 323 -4.73 18.26 8.19
C ILE B 323 -3.77 19.42 7.94
N LEU B 324 -4.24 20.52 7.33
CA LEU B 324 -3.40 21.69 7.09
C LEU B 324 -2.99 22.39 8.38
N PHE B 325 -3.74 22.18 9.47
CA PHE B 325 -3.31 22.63 10.79
C PHE B 325 -1.95 22.03 11.13
N ALA B 326 -1.79 20.73 10.85
CA ALA B 326 -0.54 20.02 11.11
C ALA B 326 0.56 20.54 10.18
N VAL B 327 0.25 20.72 8.90
CA VAL B 327 1.23 21.22 7.94
C VAL B 327 1.77 22.55 8.47
N MET B 328 0.87 23.46 8.86
CA MET B 328 1.27 24.80 9.29
C MET B 328 2.09 24.76 10.58
N ASN B 329 1.78 23.80 11.45
CA ASN B 329 2.55 23.61 12.66
C ASN B 329 4.01 23.30 12.29
N ARG B 330 4.19 22.44 11.28
CA ARG B 330 5.52 22.02 10.87
C ARG B 330 6.24 23.22 10.23
N LEU B 331 5.55 23.91 9.33
CA LEU B 331 6.13 25.05 8.62
C LEU B 331 6.53 26.19 9.57
N ARG B 332 5.71 26.50 10.58
CA ARG B 332 6.02 27.58 11.50
C ARG B 332 7.28 27.28 12.31
N LYS B 333 7.46 26.01 12.69
CA LYS B 333 8.63 25.64 13.46
C LYS B 333 9.89 25.75 12.60
N ALA B 334 9.75 25.66 11.27
CA ALA B 334 10.87 25.66 10.34
C ALA B 334 11.17 27.06 9.79
N ALA B 335 10.20 27.99 9.85
CA ALA B 335 10.33 29.25 9.13
C ALA B 335 11.42 30.10 9.76
N THR B 336 12.18 30.81 8.92
CA THR B 336 13.14 31.78 9.43
C THR B 336 12.42 33.13 9.50
N GLU B 337 11.37 33.32 8.70
CA GLU B 337 10.49 34.47 8.84
C GLU B 337 9.05 34.03 8.58
N ILE B 338 8.12 34.56 9.37
CA ILE B 338 6.69 34.40 9.11
C ILE B 338 6.10 35.77 8.78
N VAL B 339 5.43 35.87 7.63
CA VAL B 339 4.79 37.09 7.20
C VAL B 339 3.28 37.01 7.47
N ARG B 340 2.84 37.66 8.57
CA ARG B 340 1.50 37.51 9.12
C ARG B 340 0.48 38.31 8.30
N THR C . -11.46 -10.72 -10.70
CA THR C . -10.05 -10.59 -10.27
C THR C . -9.72 -11.76 -9.37
O THR C . -10.64 -12.54 -9.05
CB THR C . -9.75 -9.26 -9.56
OG1 THR C . -10.39 -9.21 -8.29
CG2 THR C . -10.17 -8.05 -10.39
OXT THR C . -8.53 -11.87 -9.02
C ACT D . -12.18 -38.13 -1.29
O ACT D . -12.81 -37.63 -2.27
OXT ACT D . -11.03 -37.73 -0.91
CH3 ACT D . -12.85 -39.27 -0.50
C ACT E . -3.15 -5.54 -26.88
O ACT E . -2.60 -5.83 -25.81
OXT ACT E . -3.12 -4.40 -27.37
CH3 ACT E . -3.93 -6.63 -27.63
N THR F . 7.08 8.07 15.21
CA THR F . 6.45 8.30 13.88
C THR F . 5.06 8.88 14.09
O THR F . 4.65 8.92 15.27
CB THR F . 6.39 7.01 13.07
OG1 THR F . 5.55 6.10 13.76
CG2 THR F . 7.74 6.35 12.87
OXT THR F . 4.44 9.27 13.07
C ACT G . 7.84 34.84 -9.15
O ACT G . 7.68 33.61 -9.35
OXT ACT G . 8.77 35.33 -8.44
CH3 ACT G . 6.84 35.79 -9.80
C1 PEG H . -4.15 -5.63 15.63
O1 PEG H . -3.44 -5.29 14.44
C2 PEG H . -5.44 -4.90 15.75
O2 PEG H . -5.71 -4.62 17.13
C3 PEG H . -6.30 -5.70 17.84
C4 PEG H . -5.24 -6.56 18.49
O4 PEG H . -5.23 -6.44 19.91
C1 GOL I . 12.25 -13.62 13.49
O1 GOL I . 13.50 -12.98 13.73
C2 GOL I . 11.58 -13.95 14.79
O2 GOL I . 11.33 -12.75 15.52
C3 GOL I . 10.31 -14.76 14.60
O3 GOL I . 10.61 -16.14 14.49
C1 GOL J . 7.74 -13.32 23.54
O1 GOL J . 7.71 -12.34 22.50
C2 GOL J . 9.04 -14.10 23.61
O2 GOL J . 9.61 -14.33 22.32
C3 GOL J . 10.09 -13.43 24.48
O3 GOL J . 9.60 -13.25 25.81
C1 GOL K . -1.93 34.11 21.38
O1 GOL K . -1.05 33.63 22.39
C2 GOL K . -2.59 35.43 21.79
O2 GOL K . -2.01 35.90 23.00
C3 GOL K . -2.49 36.49 20.72
O3 GOL K . -3.43 36.31 19.66
C1 GOL L . 16.70 2.49 -6.03
O1 GOL L . 17.95 3.09 -6.41
C2 GOL L . 15.93 3.35 -5.06
O2 GOL L . 15.80 2.65 -3.82
C3 GOL L . 16.57 4.71 -4.82
O3 GOL L . 15.78 5.54 -3.96
C ACT M . 13.76 14.77 15.50
O ACT M . 14.65 14.39 16.30
OXT ACT M . 13.23 14.04 14.64
CH3 ACT M . 13.27 16.21 15.57
#